data_6VEI
#
_entry.id   6VEI
#
_cell.length_a   117.213
_cell.length_b   85.099
_cell.length_c   96.663
_cell.angle_alpha   90.000
_cell.angle_beta   90.000
_cell.angle_gamma   90.000
#
_symmetry.space_group_name_H-M   'P 21 21 2'
#
loop_
_entity.id
_entity.type
_entity.pdbx_description
1 polymer 'Isocitrate dehydrogenase [NADP] cytoplasmic'
2 non-polymer 'NADPH DIHYDRO-NICOTINAMIDE-ADENINE-DINUCLEOTIDE PHOSPHATE'
3 non-polymer 'SULFATE ION'
4 non-polymer 3,6,9,12,15,18,21,24,27,30,33,36-dodecaoxaoctatriacontane-1,38-diol
5 non-polymer DI(HYDROXYETHYL)ETHER
6 non-polymer 'ACETATE ION'
7 non-polymer 'MALONIC ACID'
8 non-polymer 6-(6-chloropyridin-2-yl)-N2,N4-bis[(2R)-1,1,1-trifluoropropan-2-yl]-1,3,5-triazine-2,4-diamine
9 non-polymer D-MALATE
10 water water
#
_entity_poly.entity_id   1
_entity_poly.type   'polypeptide(L)'
_entity_poly.pdbx_seq_one_letter_code
;MSKKISGGSVVEMQGDEMTRIIWELIKEKLIFPYVELDLHSYDLGIENRDATNDQVTKDAAEAIKKHNVGVKCATITPDE
KRVEEFKLKQMWKSPNGTIRNILGGTVFREAIICKNIPRLVSGWVKPIIIGHHAYGDQYRATDFVVPGPGKVEITYTPSD
GTQKVTYLVHNFEEGGGVAMGMYNQDKSIEDFAHSSFQMALSKGWPLYLSTKNTILKKYDGRFKDIFQEIYDKQYKSQFE
AQKIWYEHRLIDDMVAQAMKSEGGFIWACKNYDGDVQSDSVAQGYGSLGMMTSVLVCPDGKTVEAEAAHGTVTRHYRMYQ
KGQETSTNPIASIFAWTRGLAHRAKLDNNKELAFFANALEEVSIETIEAGFMTKDLAACIKGLPNVQRSDYLNTFEFMDK
LGENLKIKLAQAKLSLEHHHHHHHH
;
_entity_poly.pdbx_strand_id   A,B
#
# COMPACT_ATOMS: atom_id res chain seq x y z
N LYS A 3 17.87 -44.79 11.75
CA LYS A 3 16.97 -44.30 12.80
C LYS A 3 16.41 -42.93 12.43
N LYS A 4 17.14 -41.87 12.76
CA LYS A 4 16.70 -40.53 12.47
C LYS A 4 17.05 -40.15 11.03
N ILE A 5 16.31 -39.17 10.52
CA ILE A 5 16.57 -38.65 9.18
C ILE A 5 17.84 -37.80 9.21
N SER A 6 18.71 -38.01 8.23
CA SER A 6 19.92 -37.21 8.09
CA SER A 6 19.92 -37.21 8.09
C SER A 6 19.54 -35.87 7.48
N GLY A 7 19.64 -34.80 8.28
CA GLY A 7 19.19 -33.49 7.85
C GLY A 7 20.19 -32.65 7.09
N GLY A 8 21.48 -32.86 7.33
CA GLY A 8 22.49 -32.04 6.70
C GLY A 8 22.88 -30.83 7.53
N SER A 9 23.58 -29.90 6.90
CA SER A 9 24.12 -28.73 7.58
C SER A 9 23.09 -27.60 7.61
N VAL A 10 22.76 -27.16 8.82
CA VAL A 10 21.83 -26.07 9.05
C VAL A 10 22.49 -25.09 10.02
N VAL A 11 22.40 -23.80 9.70
CA VAL A 11 22.85 -22.76 10.62
C VAL A 11 21.67 -22.37 11.51
N GLU A 12 21.84 -22.50 12.82
CA GLU A 12 20.79 -22.21 13.78
C GLU A 12 21.18 -21.02 14.64
N MET A 13 20.26 -20.07 14.78
CA MET A 13 20.51 -18.83 15.52
C MET A 13 19.49 -18.72 16.63
N GLN A 14 19.96 -18.87 17.86
CA GLN A 14 19.12 -18.81 19.04
C GLN A 14 18.80 -17.36 19.38
N GLY A 15 17.62 -17.12 19.98
CA GLY A 15 17.10 -15.76 20.16
C GLY A 15 16.80 -15.31 21.59
N ASP A 16 15.71 -14.56 21.79
CA ASP A 16 15.43 -13.90 23.06
C ASP A 16 13.99 -14.11 23.51
N GLU A 17 13.81 -13.99 24.82
CA GLU A 17 12.51 -13.81 25.50
C GLU A 17 11.58 -14.97 25.15
N MET A 18 10.31 -14.71 24.80
CA MET A 18 9.34 -15.81 24.67
C MET A 18 9.67 -16.71 23.49
N THR A 19 10.14 -16.13 22.39
CA THR A 19 10.51 -16.95 21.24
C THR A 19 11.69 -17.86 21.56
N ARG A 20 12.56 -17.44 22.49
CA ARG A 20 13.67 -18.30 22.91
C ARG A 20 13.15 -19.57 23.58
N ILE A 21 12.11 -19.44 24.39
CA ILE A 21 11.54 -20.60 25.06
CA ILE A 21 11.54 -20.60 25.06
C ILE A 21 10.91 -21.55 24.05
N ILE A 22 10.11 -21.01 23.14
CA ILE A 22 9.43 -21.83 22.13
C ILE A 22 10.44 -22.48 21.20
N TRP A 23 11.52 -21.77 20.88
CA TRP A 23 12.54 -22.31 19.99
C TRP A 23 13.12 -23.62 20.53
N GLU A 24 13.42 -23.67 21.82
CA GLU A 24 13.95 -24.90 22.41
C GLU A 24 12.90 -25.99 22.48
N LEU A 25 11.63 -25.61 22.71
CA LEU A 25 10.56 -26.60 22.70
C LEU A 25 10.39 -27.21 21.31
N ILE A 26 10.52 -26.39 20.27
CA ILE A 26 10.44 -26.89 18.90
C ILE A 26 11.55 -27.88 18.63
N LYS A 27 12.78 -27.53 19.01
CA LYS A 27 13.92 -28.41 18.77
C LYS A 27 13.78 -29.73 19.52
N GLU A 28 13.37 -29.66 20.79
CA GLU A 28 13.33 -30.86 21.62
CA GLU A 28 13.34 -30.87 21.60
C GLU A 28 12.14 -31.75 21.28
N LYS A 29 10.98 -31.15 20.99
CA LYS A 29 9.77 -31.94 20.78
C LYS A 29 9.46 -32.23 19.32
N LEU A 30 9.86 -31.37 18.39
CA LEU A 30 9.45 -31.52 16.99
C LEU A 30 10.58 -31.89 16.05
N ILE A 31 11.81 -31.47 16.31
CA ILE A 31 12.89 -31.65 15.36
C ILE A 31 13.82 -32.80 15.77
N PHE A 32 14.47 -32.64 16.93
CA PHE A 32 15.53 -33.56 17.31
C PHE A 32 15.12 -35.02 17.46
N PRO A 33 13.91 -35.37 17.91
CA PRO A 33 13.56 -36.80 17.98
C PRO A 33 13.56 -37.50 16.63
N TYR A 34 13.46 -36.77 15.53
CA TYR A 34 13.29 -37.37 14.22
C TYR A 34 14.35 -37.01 13.21
N VAL A 35 15.11 -35.93 13.41
CA VAL A 35 16.08 -35.46 12.43
C VAL A 35 17.44 -35.31 13.11
N GLU A 36 18.48 -35.82 12.46
CA GLU A 36 19.85 -35.65 12.90
C GLU A 36 20.51 -34.62 11.99
N LEU A 37 21.00 -33.53 12.59
CA LEU A 37 21.47 -32.38 11.83
C LEU A 37 22.95 -32.13 12.08
N ASP A 38 23.61 -31.59 11.04
CA ASP A 38 24.92 -30.94 11.21
C ASP A 38 24.64 -29.49 11.56
N LEU A 39 24.33 -29.27 12.84
CA LEU A 39 23.86 -27.97 13.31
C LEU A 39 25.04 -27.07 13.66
N HIS A 40 25.10 -25.91 13.03
CA HIS A 40 26.06 -24.87 13.36
C HIS A 40 25.31 -23.79 14.13
N SER A 41 25.41 -23.83 15.45
CA SER A 41 24.58 -23.01 16.33
C SER A 41 25.30 -21.73 16.71
N TYR A 42 24.56 -20.62 16.67
CA TYR A 42 25.06 -19.31 17.08
C TYR A 42 24.03 -18.70 18.02
N ASP A 43 24.47 -18.32 19.21
CA ASP A 43 23.57 -17.74 20.21
C ASP A 43 23.46 -16.25 19.94
N LEU A 44 22.39 -15.85 19.23
CA LEU A 44 22.10 -14.45 19.01
C LEU A 44 21.27 -13.83 20.12
N GLY A 45 21.22 -14.48 21.29
CA GLY A 45 20.63 -13.85 22.44
C GLY A 45 21.30 -12.52 22.74
N ILE A 46 20.51 -11.58 23.26
CA ILE A 46 21.01 -10.23 23.47
C ILE A 46 22.28 -10.23 24.31
N GLU A 47 22.41 -11.19 25.24
CA GLU A 47 23.57 -11.19 26.11
C GLU A 47 24.82 -11.67 25.38
N ASN A 48 24.70 -12.76 24.63
CA ASN A 48 25.86 -13.22 23.87
C ASN A 48 26.27 -12.22 22.81
N ARG A 49 25.31 -11.52 22.20
CA ARG A 49 25.65 -10.44 21.29
C ARG A 49 26.45 -9.35 21.99
N ASP A 50 26.05 -9.00 23.22
CA ASP A 50 26.79 -8.01 23.99
C ASP A 50 28.19 -8.52 24.33
N ALA A 51 28.29 -9.80 24.70
CA ALA A 51 29.59 -10.35 25.11
C ALA A 51 30.57 -10.38 23.94
N THR A 52 30.08 -10.68 22.74
CA THR A 52 30.93 -10.75 21.55
C THR A 52 30.98 -9.44 20.78
N ASN A 53 30.42 -8.37 21.34
CA ASN A 53 30.34 -7.07 20.65
C ASN A 53 29.67 -7.21 19.29
N ASP A 54 28.61 -8.01 19.25
CA ASP A 54 27.79 -8.29 18.06
C ASP A 54 28.54 -9.06 16.99
N GLN A 55 29.75 -9.55 17.28
CA GLN A 55 30.48 -10.35 16.28
C GLN A 55 29.78 -11.68 16.01
N VAL A 56 29.06 -12.22 17.00
CA VAL A 56 28.34 -13.47 16.81
C VAL A 56 27.29 -13.32 15.72
N THR A 57 26.74 -12.12 15.55
CA THR A 57 25.75 -11.90 14.50
C THR A 57 26.38 -11.96 13.12
N LYS A 58 27.55 -11.33 12.94
CA LYS A 58 28.23 -11.38 11.65
C LYS A 58 28.74 -12.78 11.35
N ASP A 59 29.20 -13.51 12.38
CA ASP A 59 29.67 -14.87 12.17
C ASP A 59 28.54 -15.78 11.70
N ALA A 60 27.34 -15.59 12.27
CA ALA A 60 26.20 -16.40 11.86
C ALA A 60 25.83 -16.13 10.41
N ALA A 61 25.87 -14.86 10.00
CA ALA A 61 25.54 -14.51 8.62
C ALA A 61 26.57 -15.11 7.66
N GLU A 62 27.85 -15.10 8.02
CA GLU A 62 28.86 -15.73 7.19
C GLU A 62 28.68 -17.24 7.14
N ALA A 63 28.24 -17.85 8.24
CA ALA A 63 27.96 -19.28 8.22
C ALA A 63 26.79 -19.63 7.31
N ILE A 64 25.78 -18.75 7.26
CA ILE A 64 24.68 -18.97 6.33
C ILE A 64 25.17 -18.92 4.89
N LYS A 65 26.11 -18.01 4.60
CA LYS A 65 26.66 -17.91 3.25
C LYS A 65 27.37 -19.19 2.85
N LYS A 66 28.07 -19.83 3.80
CA LYS A 66 28.81 -21.04 3.48
C LYS A 66 27.90 -22.26 3.40
N HIS A 67 26.89 -22.35 4.27
CA HIS A 67 26.10 -23.57 4.36
C HIS A 67 24.73 -23.47 3.68
N ASN A 68 24.31 -22.27 3.29
CA ASN A 68 23.19 -21.96 2.43
C ASN A 68 21.84 -22.00 3.15
N VAL A 69 21.74 -22.54 4.36
CA VAL A 69 20.47 -22.65 5.06
C VAL A 69 20.64 -22.15 6.50
N GLY A 70 19.80 -21.21 6.89
CA GLY A 70 19.77 -20.73 8.26
C GLY A 70 18.36 -20.66 8.78
N VAL A 71 18.19 -21.01 10.05
CA VAL A 71 16.92 -20.87 10.75
C VAL A 71 17.18 -20.00 11.99
N LYS A 72 16.41 -18.93 12.13
CA LYS A 72 16.68 -17.91 13.14
C LYS A 72 15.46 -17.71 14.04
N CYS A 73 15.72 -17.58 15.34
CA CYS A 73 14.71 -17.21 16.31
C CYS A 73 14.70 -15.69 16.47
N ALA A 74 13.53 -15.16 16.82
CA ALA A 74 13.38 -13.71 16.98
C ALA A 74 14.34 -13.19 18.04
N THR A 75 14.83 -11.96 17.82
CA THR A 75 15.84 -11.35 18.66
C THR A 75 15.42 -9.95 19.09
N ILE A 76 15.95 -9.52 20.24
CA ILE A 76 15.71 -8.16 20.70
C ILE A 76 16.52 -7.19 19.86
N THR A 77 15.85 -6.15 19.35
CA THR A 77 16.56 -5.04 18.72
C THR A 77 16.79 -3.98 19.79
N PRO A 78 18.03 -3.70 20.17
CA PRO A 78 18.28 -2.83 21.33
C PRO A 78 17.79 -1.40 21.09
N ASP A 79 17.18 -0.84 22.13
CA ASP A 79 16.91 0.59 22.19
C ASP A 79 17.44 1.12 23.53
N GLU A 80 17.05 2.35 23.90
CA GLU A 80 17.60 2.94 25.11
C GLU A 80 17.19 2.17 26.36
N LYS A 81 15.94 1.69 26.40
CA LYS A 81 15.50 0.91 27.56
C LYS A 81 16.19 -0.45 27.60
N ARG A 82 16.44 -1.06 26.45
CA ARG A 82 17.18 -2.31 26.41
C ARG A 82 18.61 -2.11 26.91
N VAL A 83 19.19 -0.95 26.62
CA VAL A 83 20.54 -0.65 27.10
C VAL A 83 20.55 -0.63 28.62
N GLU A 84 19.53 -0.04 29.24
CA GLU A 84 19.49 -0.02 30.70
C GLU A 84 19.14 -1.40 31.26
N GLU A 85 18.25 -2.13 30.59
CA GLU A 85 17.79 -3.41 31.12
C GLU A 85 18.92 -4.43 31.19
N PHE A 86 19.76 -4.47 30.16
CA PHE A 86 20.85 -5.45 30.10
C PHE A 86 22.22 -4.83 30.33
N LYS A 87 22.30 -3.51 30.49
CA LYS A 87 23.57 -2.80 30.64
C LYS A 87 24.52 -3.14 29.51
N LEU A 88 24.06 -2.87 28.29
CA LEU A 88 24.81 -3.19 27.09
C LEU A 88 25.98 -2.24 26.92
N LYS A 89 27.07 -2.77 26.37
CA LYS A 89 28.25 -1.94 26.10
C LYS A 89 27.92 -0.86 25.08
N GLN A 90 27.21 -1.23 24.02
CA GLN A 90 26.77 -0.29 22.99
C GLN A 90 25.34 -0.64 22.60
N MET A 91 24.70 0.27 21.88
CA MET A 91 23.36 0.02 21.35
C MET A 91 23.50 -0.69 20.02
N TRP A 92 23.66 -2.02 20.09
CA TRP A 92 23.88 -2.82 18.90
C TRP A 92 22.71 -2.69 17.93
N LYS A 93 23.01 -2.80 16.64
CA LYS A 93 21.98 -2.64 15.64
C LYS A 93 21.19 -3.93 15.48
N SER A 94 20.11 -3.84 14.70
CA SER A 94 19.23 -4.97 14.50
C SER A 94 19.98 -6.14 13.88
N PRO A 95 19.94 -7.33 14.48
CA PRO A 95 20.60 -8.48 13.86
C PRO A 95 19.99 -8.87 12.53
N ASN A 96 18.67 -8.69 12.37
CA ASN A 96 18.03 -8.99 11.08
C ASN A 96 18.58 -8.08 9.98
N GLY A 97 18.82 -6.81 10.30
CA GLY A 97 19.40 -5.91 9.30
C GLY A 97 20.84 -6.27 8.99
N THR A 98 21.63 -6.59 10.01
CA THR A 98 23.01 -6.99 9.79
C THR A 98 23.10 -8.24 8.93
N ILE A 99 22.26 -9.24 9.22
CA ILE A 99 22.29 -10.48 8.47
C ILE A 99 21.86 -10.24 7.03
N ARG A 100 20.76 -9.50 6.84
CA ARG A 100 20.25 -9.25 5.49
C ARG A 100 21.27 -8.48 4.66
N ASN A 101 21.97 -7.52 5.27
CA ASN A 101 22.96 -6.75 4.53
C ASN A 101 24.15 -7.59 4.13
N ILE A 102 24.53 -8.58 4.94
CA ILE A 102 25.66 -9.44 4.59
C ILE A 102 25.25 -10.43 3.52
N LEU A 103 24.04 -11.00 3.62
CA LEU A 103 23.59 -11.97 2.63
C LEU A 103 23.11 -11.30 1.35
N GLY A 104 22.58 -10.09 1.44
CA GLY A 104 22.15 -9.37 0.25
C GLY A 104 20.84 -9.85 -0.35
N GLY A 105 19.96 -10.46 0.45
CA GLY A 105 18.73 -11.01 -0.04
C GLY A 105 17.52 -10.14 0.23
N THR A 106 16.34 -10.69 -0.07
CA THR A 106 15.06 -10.04 0.14
C THR A 106 14.18 -10.93 1.01
N VAL A 107 13.50 -10.33 1.98
CA VAL A 107 12.63 -11.07 2.89
C VAL A 107 11.23 -11.16 2.29
N PHE A 108 10.69 -12.38 2.24
CA PHE A 108 9.34 -12.64 1.76
C PHE A 108 8.51 -13.15 2.93
N ARG A 109 7.39 -12.47 3.21
CA ARG A 109 6.53 -12.79 4.34
C ARG A 109 5.26 -13.48 3.85
N GLU A 110 4.88 -14.58 4.50
CA GLU A 110 3.74 -15.36 4.07
C GLU A 110 2.92 -15.79 5.28
N ALA A 111 1.61 -15.58 5.21
CA ALA A 111 0.71 -16.00 6.28
C ALA A 111 0.41 -17.48 6.15
N ILE A 112 0.46 -18.19 7.26
CA ILE A 112 0.06 -19.58 7.30
C ILE A 112 -1.45 -19.64 7.52
N ILE A 113 -2.16 -20.27 6.59
CA ILE A 113 -3.62 -20.21 6.53
C ILE A 113 -4.20 -21.54 7.01
N CYS A 114 -5.04 -21.47 8.04
CA CYS A 114 -5.91 -22.56 8.44
C CYS A 114 -7.35 -22.15 8.17
N LYS A 115 -8.11 -23.05 7.54
CA LYS A 115 -9.41 -22.66 6.98
C LYS A 115 -10.43 -22.24 8.02
N ASN A 116 -10.21 -22.56 9.30
CA ASN A 116 -11.15 -22.18 10.35
C ASN A 116 -10.83 -20.82 10.96
N ILE A 117 -9.72 -20.19 10.56
CA ILE A 117 -9.34 -18.88 11.06
C ILE A 117 -9.86 -17.83 10.07
N PRO A 118 -10.83 -17.01 10.45
CA PRO A 118 -11.37 -16.03 9.49
C PRO A 118 -10.38 -14.92 9.19
N ARG A 119 -10.51 -14.39 7.98
CA ARG A 119 -9.70 -13.27 7.52
C ARG A 119 -10.53 -12.00 7.49
N LEU A 120 -9.86 -10.86 7.66
CA LEU A 120 -10.54 -9.58 7.61
C LEU A 120 -10.98 -9.21 6.19
N VAL A 121 -10.32 -9.76 5.18
CA VAL A 121 -10.73 -9.63 3.78
C VAL A 121 -11.39 -10.93 3.36
N SER A 122 -12.57 -10.83 2.75
CA SER A 122 -13.46 -12.00 2.66
C SER A 122 -12.96 -13.03 1.67
N GLY A 123 -12.38 -12.59 0.55
CA GLY A 123 -12.09 -13.52 -0.53
C GLY A 123 -10.74 -14.20 -0.52
N TRP A 124 -9.96 -14.06 0.56
CA TRP A 124 -8.60 -14.59 0.60
C TRP A 124 -8.62 -16.09 0.88
N VAL A 125 -8.21 -16.89 -0.10
CA VAL A 125 -8.09 -18.33 0.08
C VAL A 125 -6.64 -18.79 0.10
N LYS A 126 -5.75 -18.11 -0.61
CA LYS A 126 -4.32 -18.42 -0.60
C LYS A 126 -3.54 -17.21 -0.11
N PRO A 127 -2.35 -17.42 0.46
CA PRO A 127 -1.59 -16.29 1.00
C PRO A 127 -1.05 -15.38 -0.09
N ILE A 128 -0.84 -14.13 0.27
CA ILE A 128 -0.16 -13.14 -0.57
C ILE A 128 1.23 -12.96 0.01
N ILE A 129 2.25 -13.29 -0.78
CA ILE A 129 3.63 -13.29 -0.32
C ILE A 129 4.29 -11.99 -0.77
N ILE A 130 4.58 -11.12 0.19
CA ILE A 130 5.15 -9.80 -0.10
C ILE A 130 6.66 -9.88 0.02
N GLY A 131 7.35 -9.52 -1.06
CA GLY A 131 8.80 -9.37 -1.02
C GLY A 131 9.17 -7.93 -0.76
N HIS A 132 9.94 -7.69 0.30
CA HIS A 132 10.23 -6.34 0.79
C HIS A 132 11.65 -5.96 0.44
N HIS A 133 11.81 -4.96 -0.43
CA HIS A 133 13.11 -4.40 -0.78
C HIS A 133 13.57 -3.51 0.37
N ALA A 134 14.36 -4.07 1.29
CA ALA A 134 14.72 -3.37 2.51
C ALA A 134 16.03 -2.60 2.36
N TYR A 135 16.12 -1.75 1.33
CA TYR A 135 17.29 -0.91 1.12
C TYR A 135 16.86 0.42 0.52
N GLY A 136 17.40 1.51 1.05
CA GLY A 136 17.27 2.81 0.44
C GLY A 136 15.89 3.44 0.61
N ASP A 137 15.60 4.37 -0.31
CA ASP A 137 14.35 5.14 -0.35
C ASP A 137 14.25 5.94 0.95
N GLN A 138 13.06 6.02 1.56
CA GLN A 138 12.87 6.87 2.74
C GLN A 138 13.74 6.44 3.92
N TYR A 139 14.16 5.18 3.96
CA TYR A 139 14.84 4.64 5.13
C TYR A 139 16.33 4.93 5.15
N ARG A 140 16.87 5.49 4.07
CA ARG A 140 18.24 6.02 4.06
C ARG A 140 18.26 7.47 3.61
N ALA A 141 17.12 8.16 3.71
CA ALA A 141 16.96 9.49 3.15
C ALA A 141 17.57 10.55 4.09
N THR A 142 17.75 11.75 3.55
CA THR A 142 18.23 12.90 4.29
C THR A 142 17.15 13.98 4.21
N ASP A 143 16.44 14.18 5.32
CA ASP A 143 15.36 15.16 5.37
C ASP A 143 15.71 16.25 6.37
N PHE A 144 15.16 17.44 6.13
CA PHE A 144 15.46 18.59 6.98
C PHE A 144 14.35 19.62 6.86
N VAL A 145 14.27 20.47 7.87
CA VAL A 145 13.30 21.57 7.87
C VAL A 145 13.89 22.74 7.10
N VAL A 146 13.09 23.32 6.20
CA VAL A 146 13.46 24.54 5.50
C VAL A 146 12.99 25.72 6.34
N PRO A 147 13.89 26.50 6.95
CA PRO A 147 13.45 27.48 7.96
C PRO A 147 12.77 28.70 7.36
N GLY A 148 13.06 29.07 6.12
CA GLY A 148 12.47 30.24 5.52
C GLY A 148 12.69 30.30 4.03
N PRO A 149 12.40 31.45 3.43
CA PRO A 149 12.58 31.60 1.98
C PRO A 149 14.01 31.26 1.56
N GLY A 150 14.11 30.64 0.40
CA GLY A 150 15.39 30.13 -0.07
C GLY A 150 15.17 29.05 -1.08
N LYS A 151 16.28 28.58 -1.65
CA LYS A 151 16.26 27.66 -2.78
C LYS A 151 16.87 26.32 -2.38
N VAL A 152 16.14 25.24 -2.66
CA VAL A 152 16.60 23.88 -2.43
C VAL A 152 16.94 23.26 -3.77
N GLU A 153 18.16 22.72 -3.89
CA GLU A 153 18.61 22.08 -5.11
C GLU A 153 19.19 20.71 -4.78
N ILE A 154 19.10 19.80 -5.75
CA ILE A 154 19.76 18.51 -5.67
C ILE A 154 20.78 18.44 -6.80
N THR A 155 21.99 17.97 -6.48
CA THR A 155 23.08 17.99 -7.44
CA THR A 155 23.11 18.01 -7.40
C THR A 155 23.79 16.64 -7.46
N TYR A 156 24.45 16.37 -8.58
CA TYR A 156 25.21 15.14 -8.79
C TYR A 156 26.57 15.50 -9.35
N THR A 157 27.62 15.08 -8.66
CA THR A 157 28.99 15.33 -9.08
C THR A 157 29.64 14.03 -9.51
N PRO A 158 29.84 13.79 -10.80
CA PRO A 158 30.40 12.50 -11.24
C PRO A 158 31.83 12.32 -10.73
N SER A 159 32.16 11.07 -10.40
CA SER A 159 33.48 10.76 -9.91
C SER A 159 34.56 10.85 -10.99
N ASP A 160 34.18 10.70 -12.25
CA ASP A 160 35.15 10.79 -13.35
C ASP A 160 35.53 12.23 -13.69
N GLY A 161 35.04 13.21 -12.91
CA GLY A 161 35.41 14.59 -13.13
C GLY A 161 34.70 15.27 -14.27
N THR A 162 33.68 14.65 -14.85
CA THR A 162 32.93 15.27 -15.94
C THR A 162 31.90 16.24 -15.36
N GLN A 163 30.96 16.70 -16.19
CA GLN A 163 30.17 17.87 -15.85
C GLN A 163 29.21 17.60 -14.70
N LYS A 164 29.27 18.45 -13.68
CA LYS A 164 28.35 18.39 -12.56
C LYS A 164 26.98 18.89 -12.97
N VAL A 165 25.93 18.17 -12.57
CA VAL A 165 24.56 18.47 -12.93
CA VAL A 165 24.56 18.49 -12.93
C VAL A 165 23.82 18.96 -11.68
N THR A 166 23.00 20.00 -11.85
CA THR A 166 22.26 20.60 -10.75
CA THR A 166 22.26 20.60 -10.74
C THR A 166 20.80 20.76 -11.15
N TYR A 167 19.89 20.38 -10.26
CA TYR A 167 18.46 20.50 -10.50
C TYR A 167 17.83 21.34 -9.40
N LEU A 168 16.86 22.17 -9.77
CA LEU A 168 16.08 22.93 -8.80
C LEU A 168 14.99 22.03 -8.21
N VAL A 169 15.01 21.87 -6.89
CA VAL A 169 13.93 21.14 -6.23
C VAL A 169 12.74 22.05 -5.97
N HIS A 170 12.98 23.19 -5.34
CA HIS A 170 11.94 24.18 -5.09
C HIS A 170 12.58 25.47 -4.63
N ASN A 171 12.02 26.59 -5.06
CA ASN A 171 12.38 27.91 -4.53
C ASN A 171 11.29 28.35 -3.57
N PHE A 172 11.59 28.31 -2.28
CA PHE A 172 10.64 28.77 -1.27
C PHE A 172 10.58 30.29 -1.31
N GLU A 173 9.41 30.83 -1.67
CA GLU A 173 9.24 32.26 -1.85
C GLU A 173 8.63 32.93 -0.63
N GLU A 174 7.58 32.35 -0.05
CA GLU A 174 6.82 32.99 1.02
C GLU A 174 7.38 32.62 2.40
N GLY A 175 7.25 31.36 2.77
CA GLY A 175 7.74 30.91 4.07
C GLY A 175 8.72 29.77 3.98
N GLY A 176 8.62 28.82 4.91
CA GLY A 176 9.47 27.66 4.93
C GLY A 176 8.71 26.38 4.67
N GLY A 177 9.31 25.27 5.07
CA GLY A 177 8.70 23.96 4.89
C GLY A 177 9.66 22.83 5.19
N VAL A 178 9.64 21.79 4.37
CA VAL A 178 10.52 20.64 4.52
C VAL A 178 11.01 20.21 3.15
N ALA A 179 12.17 19.54 3.15
CA ALA A 179 12.74 18.99 1.94
C ALA A 179 13.48 17.71 2.31
N MET A 180 13.74 16.88 1.30
CA MET A 180 14.43 15.63 1.54
C MET A 180 15.01 15.11 0.24
N GLY A 181 16.12 14.40 0.37
CA GLY A 181 16.70 13.66 -0.74
C GLY A 181 16.78 12.19 -0.38
N MET A 182 16.54 11.34 -1.38
CA MET A 182 16.64 9.90 -1.19
C MET A 182 17.18 9.27 -2.46
N TYR A 183 17.55 8.00 -2.36
CA TYR A 183 18.26 7.34 -3.44
C TYR A 183 18.00 5.83 -3.38
N ASN A 184 18.34 5.16 -4.47
CA ASN A 184 18.51 3.71 -4.47
C ASN A 184 19.62 3.36 -5.43
N GLN A 185 19.99 2.09 -5.43
CA GLN A 185 21.20 1.62 -6.11
C GLN A 185 20.85 0.53 -7.11
N ASP A 186 21.50 0.56 -8.27
CA ASP A 186 21.20 -0.39 -9.34
C ASP A 186 21.39 -1.83 -8.90
N LYS A 187 22.51 -2.12 -8.23
CA LYS A 187 22.80 -3.50 -7.84
C LYS A 187 21.78 -4.01 -6.84
N SER A 188 21.36 -3.18 -5.89
CA SER A 188 20.36 -3.60 -4.92
C SER A 188 19.02 -3.90 -5.61
N ILE A 189 18.64 -3.09 -6.58
CA ILE A 189 17.40 -3.33 -7.33
C ILE A 189 17.52 -4.61 -8.14
N GLU A 190 18.69 -4.85 -8.74
CA GLU A 190 18.90 -6.08 -9.50
C GLU A 190 18.81 -7.30 -8.62
N ASP A 191 19.42 -7.25 -7.43
CA ASP A 191 19.31 -8.35 -6.48
C ASP A 191 17.87 -8.53 -6.03
N PHE A 192 17.16 -7.42 -5.80
CA PHE A 192 15.75 -7.48 -5.43
C PHE A 192 14.92 -8.18 -6.51
N ALA A 193 15.22 -7.91 -7.78
CA ALA A 193 14.50 -8.57 -8.86
C ALA A 193 14.80 -10.07 -8.89
N HIS A 194 16.10 -10.43 -8.85
CA HIS A 194 16.48 -11.84 -8.90
C HIS A 194 15.82 -12.62 -7.77
N SER A 195 15.87 -12.08 -6.55
CA SER A 195 15.23 -12.75 -5.42
C SER A 195 13.73 -12.91 -5.66
N SER A 196 13.10 -11.90 -6.28
CA SER A 196 11.66 -11.98 -6.53
C SER A 196 11.32 -13.04 -7.57
N PHE A 197 12.11 -13.10 -8.66
CA PHE A 197 11.85 -14.09 -9.69
C PHE A 197 12.12 -15.51 -9.17
N GLN A 198 13.16 -15.67 -8.35
CA GLN A 198 13.46 -16.98 -7.77
C GLN A 198 12.35 -17.43 -6.83
N MET A 199 11.82 -16.50 -6.03
CA MET A 199 10.75 -16.86 -5.09
C MET A 199 9.49 -17.29 -5.83
N ALA A 200 9.12 -16.55 -6.89
CA ALA A 200 7.93 -16.90 -7.66
C ALA A 200 8.07 -18.25 -8.34
N LEU A 201 9.27 -18.57 -8.82
CA LEU A 201 9.49 -19.84 -9.50
C LEU A 201 9.48 -21.00 -8.52
N SER A 202 10.01 -20.80 -7.31
CA SER A 202 10.01 -21.86 -6.32
C SER A 202 8.60 -22.18 -5.82
N LYS A 203 7.75 -21.17 -5.74
CA LYS A 203 6.37 -21.36 -5.32
C LYS A 203 5.44 -21.73 -6.47
N GLY A 204 5.82 -21.43 -7.71
CA GLY A 204 4.95 -21.67 -8.83
C GLY A 204 3.80 -20.69 -8.93
N TRP A 205 4.00 -19.46 -8.46
CA TRP A 205 2.98 -18.42 -8.46
C TRP A 205 3.43 -17.23 -9.29
N PRO A 206 2.50 -16.48 -9.88
CA PRO A 206 2.88 -15.28 -10.64
C PRO A 206 3.43 -14.19 -9.71
N LEU A 207 4.16 -13.26 -10.31
CA LEU A 207 4.86 -12.20 -9.58
C LEU A 207 4.40 -10.84 -10.07
N TYR A 208 4.16 -9.93 -9.12
CA TYR A 208 3.79 -8.56 -9.42
C TYR A 208 4.75 -7.61 -8.73
N LEU A 209 5.17 -6.58 -9.47
CA LEU A 209 5.95 -5.48 -8.92
C LEU A 209 5.12 -4.21 -8.95
N SER A 210 5.07 -3.50 -7.83
CA SER A 210 4.31 -2.27 -7.72
C SER A 210 5.25 -1.08 -7.63
N THR A 211 4.94 -0.02 -8.39
N THR A 211 5.02 -0.07 -8.48
CA THR A 211 5.74 1.19 -8.43
CA THR A 211 5.72 1.20 -8.41
C THR A 211 4.91 2.30 -9.06
C THR A 211 4.72 2.32 -8.68
N LYS A 212 5.24 3.54 -8.72
CA LYS A 212 4.49 4.70 -9.21
C LYS A 212 5.30 5.40 -10.31
N ASN A 213 5.64 4.63 -11.33
CA ASN A 213 6.56 5.13 -12.37
C ASN A 213 5.91 6.18 -13.26
N THR A 214 4.58 6.28 -13.28
CA THR A 214 3.96 7.35 -14.04
C THR A 214 4.24 8.71 -13.40
N ILE A 215 4.48 8.73 -12.09
CA ILE A 215 4.77 9.95 -11.36
C ILE A 215 6.27 10.15 -11.16
N LEU A 216 6.96 9.13 -10.65
CA LEU A 216 8.41 9.16 -10.53
C LEU A 216 8.98 8.43 -11.74
N LYS A 217 9.04 9.15 -12.86
CA LYS A 217 9.34 8.54 -14.14
C LYS A 217 10.76 7.98 -14.19
N LYS A 218 11.71 8.68 -13.57
CA LYS A 218 13.10 8.22 -13.56
C LYS A 218 13.37 7.28 -12.38
N TYR A 219 12.98 7.70 -11.18
CA TYR A 219 13.26 6.92 -9.98
C TYR A 219 12.56 5.57 -10.02
N ASP A 220 11.23 5.58 -10.09
CA ASP A 220 10.47 4.33 -10.10
C ASP A 220 10.56 3.62 -11.45
N GLY A 221 10.78 4.37 -12.53
CA GLY A 221 10.96 3.74 -13.83
C GLY A 221 12.18 2.84 -13.87
N ARG A 222 13.20 3.14 -13.07
CA ARG A 222 14.38 2.29 -13.03
C ARG A 222 14.07 0.92 -12.44
N PHE A 223 13.23 0.88 -11.40
CA PHE A 223 12.75 -0.39 -10.86
C PHE A 223 12.03 -1.19 -11.94
N LYS A 224 11.10 -0.54 -12.64
CA LYS A 224 10.33 -1.21 -13.68
C LYS A 224 11.23 -1.70 -14.81
N ASP A 225 12.21 -0.88 -15.21
CA ASP A 225 13.09 -1.26 -16.30
C ASP A 225 14.00 -2.42 -15.91
N ILE A 226 14.55 -2.39 -14.70
CA ILE A 226 15.47 -3.45 -14.27
C ILE A 226 14.74 -4.77 -14.13
N PHE A 227 13.53 -4.75 -13.55
CA PHE A 227 12.74 -5.98 -13.41
C PHE A 227 12.39 -6.56 -14.78
N GLN A 228 11.96 -5.70 -15.71
CA GLN A 228 11.51 -6.19 -17.02
C GLN A 228 12.66 -6.78 -17.82
N GLU A 229 13.82 -6.12 -17.81
CA GLU A 229 14.95 -6.62 -18.57
C GLU A 229 15.47 -7.94 -18.01
N ILE A 230 15.54 -8.05 -16.68
CA ILE A 230 15.95 -9.30 -16.07
C ILE A 230 14.94 -10.41 -16.36
N TYR A 231 13.65 -10.07 -16.34
CA TYR A 231 12.62 -11.05 -16.68
C TYR A 231 12.74 -11.50 -18.13
N ASP A 232 12.80 -10.55 -19.06
CA ASP A 232 12.84 -10.90 -20.48
C ASP A 232 14.09 -11.71 -20.84
N LYS A 233 15.21 -11.45 -20.16
CA LYS A 233 16.48 -12.06 -20.56
C LYS A 233 16.77 -13.36 -19.84
N GLN A 234 16.27 -13.55 -18.62
CA GLN A 234 16.71 -14.66 -17.78
C GLN A 234 15.61 -15.54 -17.21
N TYR A 235 14.36 -15.09 -17.12
CA TYR A 235 13.35 -15.84 -16.39
C TYR A 235 12.04 -16.08 -17.13
N LYS A 236 11.77 -15.40 -18.25
CA LYS A 236 10.45 -15.47 -18.85
C LYS A 236 10.08 -16.89 -19.27
N SER A 237 11.02 -17.62 -19.88
CA SER A 237 10.72 -18.96 -20.34
C SER A 237 10.40 -19.89 -19.17
N GLN A 238 11.07 -19.70 -18.04
CA GLN A 238 10.76 -20.51 -16.86
C GLN A 238 9.36 -20.20 -16.34
N PHE A 239 8.96 -18.93 -16.38
CA PHE A 239 7.61 -18.57 -15.95
C PHE A 239 6.56 -19.18 -16.87
N GLU A 240 6.76 -19.04 -18.18
CA GLU A 240 5.79 -19.59 -19.14
C GLU A 240 5.67 -21.10 -19.01
N ALA A 241 6.80 -21.78 -18.75
CA ALA A 241 6.76 -23.23 -18.62
C ALA A 241 5.95 -23.65 -17.40
N GLN A 242 5.90 -22.82 -16.37
CA GLN A 242 5.08 -23.08 -15.19
C GLN A 242 3.71 -22.43 -15.30
N LYS A 243 3.38 -21.84 -16.45
CA LYS A 243 2.10 -21.20 -16.69
C LYS A 243 1.84 -20.07 -15.68
N ILE A 244 2.90 -19.38 -15.28
CA ILE A 244 2.78 -18.17 -14.47
C ILE A 244 3.34 -17.00 -15.29
N TRP A 245 3.43 -15.84 -14.67
CA TRP A 245 3.81 -14.63 -15.40
C TRP A 245 4.34 -13.59 -14.43
N TYR A 246 4.94 -12.54 -15.00
CA TYR A 246 5.35 -11.36 -14.25
C TYR A 246 4.68 -10.14 -14.86
N GLU A 247 4.25 -9.21 -14.00
CA GLU A 247 3.59 -8.02 -14.47
C GLU A 247 3.87 -6.86 -13.52
N HIS A 248 4.14 -5.69 -14.09
CA HIS A 248 4.28 -4.47 -13.33
C HIS A 248 2.93 -3.78 -13.21
N ARG A 249 2.67 -3.20 -12.04
CA ARG A 249 1.41 -2.51 -11.78
C ARG A 249 1.68 -1.25 -10.97
N LEU A 250 0.81 -0.26 -11.14
CA LEU A 250 0.85 0.91 -10.28
C LEU A 250 0.39 0.53 -8.88
N ILE A 251 0.98 1.20 -7.87
CA ILE A 251 0.82 0.75 -6.49
C ILE A 251 -0.63 0.84 -6.04
N ASP A 252 -1.33 1.92 -6.43
CA ASP A 252 -2.72 2.06 -6.00
C ASP A 252 -3.60 0.97 -6.60
N ASP A 253 -3.42 0.69 -7.90
CA ASP A 253 -4.15 -0.40 -8.53
C ASP A 253 -3.77 -1.74 -7.88
N MET A 254 -2.50 -1.90 -7.52
CA MET A 254 -2.02 -3.19 -7.01
C MET A 254 -2.66 -3.53 -5.67
N VAL A 255 -2.70 -2.56 -4.75
CA VAL A 255 -3.28 -2.83 -3.43
C VAL A 255 -4.75 -3.22 -3.56
N ALA A 256 -5.48 -2.54 -4.46
CA ALA A 256 -6.88 -2.89 -4.68
C ALA A 256 -7.00 -4.27 -5.31
N GLN A 257 -6.11 -4.60 -6.25
CA GLN A 257 -6.11 -5.94 -6.84
C GLN A 257 -5.85 -7.00 -5.79
N ALA A 258 -4.96 -6.71 -4.83
CA ALA A 258 -4.65 -7.69 -3.79
C ALA A 258 -5.85 -7.94 -2.89
N MET A 259 -6.60 -6.88 -2.54
CA MET A 259 -7.80 -7.05 -1.72
C MET A 259 -8.85 -7.85 -2.47
N LYS A 260 -8.98 -7.62 -3.77
CA LYS A 260 -9.99 -8.28 -4.59
C LYS A 260 -9.61 -9.72 -4.96
N SER A 261 -8.31 -10.04 -4.94
CA SER A 261 -7.86 -11.33 -5.40
CA SER A 261 -7.86 -11.33 -5.40
C SER A 261 -8.18 -12.44 -4.39
N GLU A 262 -7.96 -13.67 -4.83
CA GLU A 262 -8.04 -14.84 -3.97
C GLU A 262 -6.74 -15.12 -3.24
N GLY A 263 -5.69 -14.37 -3.54
CA GLY A 263 -4.37 -14.67 -3.06
C GLY A 263 -3.62 -15.54 -4.05
N GLY A 264 -2.46 -16.04 -3.60
CA GLY A 264 -1.67 -16.93 -4.40
C GLY A 264 -0.80 -16.24 -5.44
N PHE A 265 -0.07 -15.20 -5.02
CA PHE A 265 0.89 -14.56 -5.89
C PHE A 265 2.00 -13.95 -5.05
N ILE A 266 3.13 -13.69 -5.70
CA ILE A 266 4.24 -12.98 -5.08
C ILE A 266 4.10 -11.50 -5.41
N TRP A 267 4.38 -10.64 -4.43
CA TRP A 267 4.19 -9.20 -4.56
C TRP A 267 5.51 -8.52 -4.19
N ALA A 268 6.28 -8.13 -5.20
CA ALA A 268 7.52 -7.39 -4.98
C ALA A 268 7.19 -5.94 -4.63
N CYS A 269 7.55 -5.53 -3.43
CA CYS A 269 7.21 -4.21 -2.92
C CYS A 269 8.49 -3.39 -2.71
N LYS A 270 8.40 -2.10 -3.04
CA LYS A 270 9.46 -1.18 -2.64
C LYS A 270 9.49 -1.06 -1.12
N ASN A 271 10.57 -0.45 -0.60
CA ASN A 271 10.81 -0.42 0.84
C ASN A 271 9.60 0.09 1.61
N TYR A 272 9.12 1.29 1.27
CA TYR A 272 7.99 1.87 1.98
C TYR A 272 6.74 1.02 1.83
N ASP A 273 6.45 0.58 0.60
CA ASP A 273 5.20 -0.13 0.34
C ASP A 273 5.13 -1.45 1.08
N GLY A 274 6.27 -2.13 1.22
CA GLY A 274 6.28 -3.41 1.91
C GLY A 274 6.23 -3.26 3.41
N ASP A 275 6.89 -2.22 3.93
CA ASP A 275 7.01 -2.06 5.37
C ASP A 275 5.69 -1.63 6.00
N VAL A 276 5.01 -0.65 5.39
CA VAL A 276 3.88 -0.01 6.05
C VAL A 276 2.66 -0.92 6.17
N GLN A 277 2.58 -1.98 5.37
CA GLN A 277 1.41 -2.85 5.39
C GLN A 277 1.65 -4.20 6.07
N SER A 278 2.85 -4.43 6.60
CA SER A 278 3.17 -5.74 7.16
C SER A 278 2.27 -6.09 8.33
N ASP A 279 1.97 -5.11 9.19
CA ASP A 279 1.07 -5.37 10.32
C ASP A 279 -0.35 -5.64 9.84
N SER A 280 -0.77 -4.96 8.77
CA SER A 280 -2.14 -5.13 8.28
C SER A 280 -2.32 -6.48 7.61
N VAL A 281 -1.31 -6.97 6.90
CA VAL A 281 -1.46 -8.29 6.29
CA VAL A 281 -1.40 -8.30 6.29
C VAL A 281 -1.48 -9.37 7.38
N ALA A 282 -0.74 -9.18 8.46
CA ALA A 282 -0.76 -10.14 9.56
C ALA A 282 -2.13 -10.18 10.22
N GLN A 283 -2.64 -9.02 10.62
CA GLN A 283 -3.98 -8.95 11.19
C GLN A 283 -5.04 -9.33 10.17
N GLY A 284 -4.78 -9.09 8.88
CA GLY A 284 -5.76 -9.43 7.86
C GLY A 284 -5.94 -10.93 7.71
N TYR A 285 -4.87 -11.69 7.86
CA TYR A 285 -4.96 -13.14 7.77
C TYR A 285 -5.26 -13.81 9.10
N GLY A 286 -5.05 -13.10 10.21
CA GLY A 286 -5.34 -13.66 11.52
C GLY A 286 -4.49 -13.08 12.63
N SER A 287 -3.25 -13.57 12.76
CA SER A 287 -2.39 -13.17 13.85
C SER A 287 -0.96 -13.03 13.36
N LEU A 288 -0.18 -12.23 14.09
CA LEU A 288 1.25 -12.16 13.82
C LEU A 288 1.91 -13.51 14.03
N GLY A 289 1.38 -14.32 14.95
CA GLY A 289 1.91 -15.65 15.20
C GLY A 289 1.79 -16.61 14.04
N MET A 290 1.06 -16.23 12.98
CA MET A 290 0.93 -17.03 11.78
C MET A 290 1.76 -16.51 10.61
N MET A 291 2.54 -15.44 10.82
CA MET A 291 3.32 -14.82 9.75
C MET A 291 4.75 -15.33 9.81
N THR A 292 5.13 -16.12 8.82
CA THR A 292 6.51 -16.58 8.68
C THR A 292 7.22 -15.77 7.59
N SER A 293 8.54 -15.88 7.56
CA SER A 293 9.33 -15.12 6.61
C SER A 293 10.54 -15.93 6.19
N VAL A 294 11.03 -15.65 4.98
CA VAL A 294 12.25 -16.28 4.46
C VAL A 294 13.03 -15.24 3.68
N LEU A 295 14.31 -15.11 3.99
CA LEU A 295 15.23 -14.25 3.25
C LEU A 295 15.80 -15.06 2.09
N VAL A 296 15.56 -14.60 0.87
CA VAL A 296 15.98 -15.30 -0.34
C VAL A 296 17.04 -14.46 -1.04
N CYS A 297 18.22 -15.05 -1.23
CA CYS A 297 19.30 -14.36 -1.91
C CYS A 297 19.17 -14.52 -3.43
N PRO A 298 19.77 -13.60 -4.19
CA PRO A 298 19.58 -13.63 -5.66
C PRO A 298 20.01 -14.93 -6.31
N ASP A 299 20.89 -15.71 -5.68
CA ASP A 299 21.31 -16.99 -6.24
C ASP A 299 20.20 -18.03 -6.20
N GLY A 300 19.14 -17.80 -5.43
CA GLY A 300 18.14 -18.82 -5.20
C GLY A 300 18.60 -20.01 -4.39
N LYS A 301 19.86 -19.99 -3.94
CA LYS A 301 20.45 -21.10 -3.21
C LYS A 301 20.52 -20.86 -1.71
N THR A 302 20.73 -19.63 -1.28
CA THR A 302 20.92 -19.29 0.13
C THR A 302 19.62 -18.71 0.68
N VAL A 303 19.15 -19.28 1.79
CA VAL A 303 17.93 -18.79 2.44
C VAL A 303 18.15 -18.72 3.95
N GLU A 304 17.42 -17.81 4.58
CA GLU A 304 17.37 -17.72 6.04
C GLU A 304 15.91 -17.54 6.44
N ALA A 305 15.39 -18.49 7.19
CA ALA A 305 13.98 -18.50 7.58
C ALA A 305 13.83 -18.11 9.04
N GLU A 306 12.78 -17.35 9.33
CA GLU A 306 12.49 -16.93 10.69
C GLU A 306 11.06 -16.42 10.76
N ALA A 307 10.54 -16.37 11.99
CA ALA A 307 9.21 -15.81 12.21
C ALA A 307 9.22 -14.32 11.88
N ALA A 308 8.11 -13.84 11.32
CA ALA A 308 8.01 -12.43 10.98
C ALA A 308 7.65 -11.55 12.16
N HIS A 309 7.30 -12.14 13.30
CA HIS A 309 6.98 -11.36 14.49
C HIS A 309 8.22 -11.22 15.38
N GLY A 310 8.07 -10.53 16.50
CA GLY A 310 9.16 -10.31 17.42
C GLY A 310 9.26 -11.37 18.49
N THR A 311 9.91 -11.01 19.60
CA THR A 311 10.13 -11.93 20.71
C THR A 311 8.95 -12.02 21.65
N VAL A 312 7.86 -11.30 21.36
CA VAL A 312 6.64 -11.32 22.18
C VAL A 312 6.99 -10.98 23.63
N THR A 313 7.51 -9.77 23.84
CA THR A 313 7.97 -9.37 25.17
C THR A 313 6.85 -9.41 26.20
N ARG A 314 5.65 -8.97 25.81
CA ARG A 314 4.55 -8.90 26.78
C ARG A 314 4.22 -10.27 27.34
N HIS A 315 4.22 -11.31 26.49
CA HIS A 315 3.98 -12.66 26.98
C HIS A 315 5.14 -13.13 27.85
N TYR A 316 6.36 -12.74 27.50
CA TYR A 316 7.53 -13.13 28.30
C TYR A 316 7.45 -12.54 29.70
N ARG A 317 6.94 -11.31 29.83
CA ARG A 317 6.79 -10.70 31.14
C ARG A 317 5.78 -11.48 32.00
N MET A 318 4.71 -11.97 31.37
CA MET A 318 3.76 -12.81 32.09
C MET A 318 4.42 -14.11 32.53
N TYR A 319 5.19 -14.73 31.63
CA TYR A 319 5.91 -15.95 31.97
C TYR A 319 6.88 -15.71 33.12
N GLN A 320 7.51 -14.54 33.15
CA GLN A 320 8.48 -14.24 34.21
C GLN A 320 7.80 -14.11 35.57
N LYS A 321 6.55 -13.68 35.60
CA LYS A 321 5.80 -13.55 36.84
C LYS A 321 4.87 -14.74 37.10
N GLY A 322 5.12 -15.87 36.43
CA GLY A 322 4.36 -17.07 36.68
C GLY A 322 2.95 -17.07 36.14
N GLN A 323 2.58 -16.09 35.32
CA GLN A 323 1.25 -16.02 34.74
C GLN A 323 1.18 -16.83 33.45
N GLU A 324 0.04 -17.48 33.23
CA GLU A 324 -0.12 -18.36 32.08
C GLU A 324 -0.04 -17.56 30.79
N THR A 325 0.71 -18.09 29.82
CA THR A 325 0.85 -17.50 28.50
C THR A 325 0.27 -18.45 27.45
N SER A 326 -0.07 -17.88 26.29
CA SER A 326 -0.58 -18.66 25.16
C SER A 326 0.03 -18.05 23.89
N THR A 327 1.30 -18.35 23.67
CA THR A 327 2.06 -17.76 22.56
C THR A 327 2.04 -18.72 21.38
N ASN A 328 1.74 -18.17 20.20
CA ASN A 328 1.60 -18.97 18.99
C ASN A 328 2.97 -19.37 18.46
N PRO A 329 3.25 -20.66 18.28
CA PRO A 329 4.55 -21.09 17.75
C PRO A 329 4.59 -21.36 16.25
N ILE A 330 3.48 -21.17 15.52
CA ILE A 330 3.39 -21.62 14.14
C ILE A 330 4.46 -20.97 13.28
N ALA A 331 4.58 -19.63 13.37
CA ALA A 331 5.57 -18.94 12.57
C ALA A 331 6.98 -19.42 12.88
N SER A 332 7.25 -19.73 14.16
CA SER A 332 8.55 -20.26 14.53
C SER A 332 8.74 -21.67 13.98
N ILE A 333 7.70 -22.50 14.05
CA ILE A 333 7.79 -23.84 13.50
C ILE A 333 8.01 -23.80 12.00
N PHE A 334 7.32 -22.88 11.31
CA PHE A 334 7.44 -22.82 9.87
C PHE A 334 8.77 -22.25 9.42
N ALA A 335 9.49 -21.55 10.30
CA ALA A 335 10.88 -21.23 10.00
C ALA A 335 11.71 -22.50 9.86
N TRP A 336 11.46 -23.48 10.72
CA TRP A 336 12.21 -24.72 10.67
C TRP A 336 11.83 -25.56 9.45
N THR A 337 10.53 -25.68 9.17
CA THR A 337 10.13 -26.53 8.06
CA THR A 337 10.09 -26.51 8.05
C THR A 337 10.50 -25.90 6.71
N ARG A 338 10.46 -24.57 6.61
CA ARG A 338 10.85 -23.95 5.35
C ARG A 338 12.36 -24.01 5.14
N GLY A 339 13.13 -23.84 6.23
CA GLY A 339 14.56 -24.03 6.13
C GLY A 339 14.93 -25.48 5.84
N LEU A 340 14.27 -26.42 6.50
CA LEU A 340 14.56 -27.83 6.26
C LEU A 340 14.07 -28.29 4.88
N ALA A 341 12.97 -27.72 4.40
CA ALA A 341 12.50 -28.07 3.06
C ALA A 341 13.45 -27.55 1.99
N HIS A 342 14.04 -26.36 2.20
CA HIS A 342 15.04 -25.86 1.27
C HIS A 342 16.30 -26.70 1.33
N ARG A 343 16.74 -27.05 2.54
CA ARG A 343 17.89 -27.96 2.69
C ARG A 343 17.65 -29.27 1.95
N ALA A 344 16.44 -29.80 2.03
CA ALA A 344 16.13 -31.06 1.35
C ALA A 344 16.12 -30.89 -0.16
N LYS A 345 15.68 -29.73 -0.64
CA LYS A 345 15.70 -29.48 -2.08
C LYS A 345 17.13 -29.36 -2.59
N LEU A 346 18.01 -28.73 -1.81
CA LEU A 346 19.41 -28.59 -2.21
C LEU A 346 20.10 -29.94 -2.26
N ASP A 347 19.75 -30.85 -1.36
CA ASP A 347 20.44 -32.12 -1.21
C ASP A 347 19.70 -33.29 -1.86
N ASN A 348 18.56 -33.04 -2.49
CA ASN A 348 17.71 -34.11 -3.02
C ASN A 348 17.38 -35.13 -1.94
N ASN A 349 17.00 -34.61 -0.78
CA ASN A 349 16.74 -35.42 0.42
C ASN A 349 15.23 -35.65 0.52
N LYS A 350 14.76 -36.80 0.02
CA LYS A 350 13.33 -37.08 0.00
C LYS A 350 12.79 -37.30 1.41
N GLU A 351 13.57 -37.95 2.27
CA GLU A 351 13.12 -38.20 3.63
C GLU A 351 12.93 -36.89 4.39
N LEU A 352 13.89 -35.98 4.27
CA LEU A 352 13.77 -34.69 4.95
C LEU A 352 12.65 -33.85 4.35
N ALA A 353 12.46 -33.92 3.02
CA ALA A 353 11.37 -33.19 2.40
C ALA A 353 10.02 -33.70 2.89
N PHE A 354 9.89 -35.03 3.06
CA PHE A 354 8.65 -35.57 3.60
C PHE A 354 8.41 -35.10 5.02
N PHE A 355 9.47 -35.07 5.84
CA PHE A 355 9.33 -34.65 7.24
C PHE A 355 8.87 -33.20 7.34
N ALA A 356 9.52 -32.31 6.58
CA ALA A 356 9.18 -30.90 6.65
C ALA A 356 7.72 -30.66 6.28
N ASN A 357 7.24 -31.35 5.24
CA ASN A 357 5.84 -31.21 4.85
C ASN A 357 4.91 -31.81 5.90
N ALA A 358 5.32 -32.93 6.51
CA ALA A 358 4.48 -33.56 7.53
C ALA A 358 4.30 -32.65 8.74
N LEU A 359 5.37 -31.94 9.14
CA LEU A 359 5.26 -31.02 10.26
C LEU A 359 4.35 -29.85 9.93
N GLU A 360 4.36 -29.39 8.68
CA GLU A 360 3.43 -28.34 8.27
C GLU A 360 1.99 -28.84 8.34
N GLU A 361 1.73 -30.01 7.76
CA GLU A 361 0.38 -30.57 7.80
C GLU A 361 -0.10 -30.78 9.22
N VAL A 362 0.79 -31.27 10.08
CA VAL A 362 0.41 -31.54 11.48
C VAL A 362 -0.03 -30.26 12.17
N SER A 363 0.73 -29.17 11.97
CA SER A 363 0.40 -27.91 12.63
C SER A 363 -0.91 -27.34 12.12
N ILE A 364 -1.15 -27.45 10.81
CA ILE A 364 -2.39 -26.95 10.22
CA ILE A 364 -2.39 -26.93 10.26
C ILE A 364 -3.57 -27.79 10.70
N GLU A 365 -3.42 -29.12 10.65
CA GLU A 365 -4.50 -30.01 11.06
C GLU A 365 -4.85 -29.83 12.53
N THR A 366 -3.85 -29.58 13.37
CA THR A 366 -4.11 -29.40 14.80
C THR A 366 -4.99 -28.18 15.04
N ILE A 367 -4.66 -27.05 14.39
CA ILE A 367 -5.46 -25.85 14.57
C ILE A 367 -6.85 -26.03 13.94
N GLU A 368 -6.91 -26.64 12.77
CA GLU A 368 -8.20 -26.87 12.12
C GLU A 368 -9.06 -27.87 12.88
N ALA A 369 -8.47 -28.64 13.80
CA ALA A 369 -9.21 -29.54 14.66
C ALA A 369 -9.73 -28.86 15.92
N GLY A 370 -9.40 -27.60 16.14
CA GLY A 370 -9.90 -26.86 17.28
C GLY A 370 -8.88 -26.59 18.38
N PHE A 371 -7.67 -27.11 18.27
CA PHE A 371 -6.62 -26.88 19.25
C PHE A 371 -5.78 -25.70 18.79
N MET A 372 -5.83 -24.59 19.53
CA MET A 372 -5.13 -23.39 19.12
C MET A 372 -4.80 -22.54 20.33
N THR A 373 -3.92 -21.55 20.12
CA THR A 373 -3.56 -20.61 21.16
C THR A 373 -4.58 -19.47 21.22
N LYS A 374 -4.43 -18.62 22.23
CA LYS A 374 -5.45 -17.63 22.54
C LYS A 374 -5.63 -16.63 21.39
N ASP A 375 -4.55 -16.29 20.70
CA ASP A 375 -4.64 -15.32 19.61
C ASP A 375 -5.53 -15.84 18.49
N LEU A 376 -5.48 -17.14 18.20
CA LEU A 376 -6.30 -17.70 17.14
C LEU A 376 -7.75 -17.87 17.58
N ALA A 377 -7.97 -18.24 18.83
CA ALA A 377 -9.34 -18.29 19.35
C ALA A 377 -9.98 -16.91 19.32
N ALA A 378 -9.20 -15.85 19.55
CA ALA A 378 -9.74 -14.50 19.54
C ALA A 378 -10.15 -14.07 18.13
N CYS A 379 -9.48 -14.58 17.10
CA CYS A 379 -9.88 -14.24 15.74
C CYS A 379 -11.23 -14.87 15.39
N ILE A 380 -11.52 -16.05 15.94
CA ILE A 380 -12.78 -16.72 15.66
C ILE A 380 -13.91 -16.10 16.48
N LYS A 381 -13.68 -15.88 17.78
CA LYS A 381 -14.74 -15.50 18.70
C LYS A 381 -14.72 -14.04 19.11
N GLY A 382 -13.62 -13.32 18.89
CA GLY A 382 -13.47 -12.00 19.47
C GLY A 382 -12.90 -12.12 20.87
N LEU A 383 -11.84 -11.37 21.15
CA LEU A 383 -11.14 -11.51 22.43
C LEU A 383 -12.02 -11.35 23.66
N PRO A 384 -12.99 -10.43 23.72
CA PRO A 384 -13.84 -10.35 24.93
C PRO A 384 -14.64 -11.61 25.20
N ASN A 385 -14.83 -12.47 24.20
CA ASN A 385 -15.65 -13.67 24.35
C ASN A 385 -14.84 -14.93 24.54
N VAL A 386 -13.51 -14.84 24.55
CA VAL A 386 -12.66 -16.02 24.68
C VAL A 386 -12.65 -16.48 26.13
N GLN A 387 -12.90 -17.76 26.35
CA GLN A 387 -12.80 -18.38 27.66
C GLN A 387 -11.57 -19.28 27.72
N ARG A 388 -11.22 -19.68 28.94
CA ARG A 388 -10.01 -20.49 29.13
C ARG A 388 -10.11 -21.81 28.37
N SER A 389 -11.31 -22.39 28.29
CA SER A 389 -11.49 -23.65 27.59
C SER A 389 -11.32 -23.51 26.08
N ASP A 390 -11.24 -22.28 25.56
CA ASP A 390 -11.15 -22.08 24.12
C ASP A 390 -9.74 -22.25 23.58
N TYR A 391 -8.71 -22.23 24.44
CA TYR A 391 -7.34 -22.23 23.95
C TYR A 391 -6.45 -23.08 24.85
N LEU A 392 -5.28 -23.42 24.31
CA LEU A 392 -4.23 -24.09 25.05
C LEU A 392 -3.13 -23.07 25.36
N ASN A 393 -2.46 -23.27 26.50
CA ASN A 393 -1.36 -22.37 26.82
C ASN A 393 -0.15 -22.72 25.95
N THR A 394 0.93 -21.93 26.11
CA THR A 394 2.09 -22.08 25.25
C THR A 394 2.64 -23.50 25.28
N PHE A 395 2.77 -24.07 26.48
CA PHE A 395 3.40 -25.38 26.62
C PHE A 395 2.42 -26.51 26.31
N GLU A 396 1.14 -26.33 26.61
CA GLU A 396 0.14 -27.34 26.25
C GLU A 396 0.04 -27.49 24.73
N PHE A 397 0.06 -26.37 24.02
CA PHE A 397 -0.06 -26.43 22.56
C PHE A 397 1.15 -27.11 21.93
N MET A 398 2.35 -26.83 22.44
CA MET A 398 3.54 -27.52 21.95
C MET A 398 3.46 -29.02 22.23
N ASP A 399 2.91 -29.38 23.40
CA ASP A 399 2.71 -30.80 23.71
C ASP A 399 1.73 -31.45 22.74
N LYS A 400 0.66 -30.74 22.41
CA LYS A 400 -0.34 -31.27 21.48
C LYS A 400 0.24 -31.42 20.07
N LEU A 401 1.10 -30.50 19.67
CA LEU A 401 1.75 -30.65 18.36
C LEU A 401 2.71 -31.83 18.38
N GLY A 402 3.42 -32.02 19.49
CA GLY A 402 4.36 -33.14 19.57
C GLY A 402 3.67 -34.49 19.49
N GLU A 403 2.50 -34.61 20.12
CA GLU A 403 1.77 -35.88 20.06
C GLU A 403 1.23 -36.13 18.65
N ASN A 404 0.70 -35.09 17.99
CA ASN A 404 0.13 -35.27 16.67
C ASN A 404 1.22 -35.57 15.64
N LEU A 405 2.40 -34.95 15.81
CA LEU A 405 3.51 -35.25 14.92
C LEU A 405 3.99 -36.69 15.11
N LYS A 406 4.06 -37.15 16.37
CA LYS A 406 4.43 -38.54 16.62
C LYS A 406 3.45 -39.50 15.96
N ILE A 407 2.16 -39.24 16.08
CA ILE A 407 1.15 -40.10 15.47
C ILE A 407 1.26 -40.04 13.94
N LYS A 408 1.46 -38.83 13.39
CA LYS A 408 1.53 -38.67 11.94
C LYS A 408 2.69 -39.46 11.35
N LEU A 409 3.86 -39.35 11.98
CA LEU A 409 5.03 -40.06 11.46
C LEU A 409 4.95 -41.55 11.74
N ALA A 410 4.26 -41.96 12.80
CA ALA A 410 4.11 -43.38 13.10
C ALA A 410 3.24 -44.08 12.06
N GLN A 411 2.16 -43.42 11.62
CA GLN A 411 1.32 -43.98 10.58
C GLN A 411 1.96 -43.83 9.20
N ALA A 412 2.88 -42.89 9.03
CA ALA A 412 3.61 -42.75 7.78
C ALA A 412 4.71 -43.79 7.64
N LYS A 413 5.18 -44.36 8.75
CA LYS A 413 6.15 -45.45 8.72
C LYS A 413 5.49 -46.80 8.47
N LEU A 414 4.17 -46.87 8.54
CA LEU A 414 3.42 -48.08 8.22
C LEU A 414 3.05 -48.17 6.75
N SER A 415 3.44 -47.19 5.95
CA SER A 415 3.12 -47.12 4.52
C SER A 415 1.64 -47.33 4.25
N LYS B 3 -36.44 25.21 -21.75
CA LYS B 3 -36.92 24.76 -20.46
C LYS B 3 -35.86 23.98 -19.71
N LYS B 4 -34.67 23.88 -20.30
CA LYS B 4 -33.55 23.25 -19.63
CA LYS B 4 -33.55 23.25 -19.63
C LYS B 4 -33.16 24.05 -18.39
N ILE B 5 -32.60 23.36 -17.40
CA ILE B 5 -32.10 24.05 -16.22
C ILE B 5 -30.87 24.87 -16.61
N SER B 6 -30.86 26.13 -16.22
CA SER B 6 -29.70 26.98 -16.47
C SER B 6 -28.57 26.59 -15.53
N GLY B 7 -27.51 26.01 -16.09
CA GLY B 7 -26.46 25.42 -15.28
C GLY B 7 -25.35 26.35 -14.84
N GLY B 8 -25.05 27.37 -15.64
CA GLY B 8 -23.96 28.26 -15.33
C GLY B 8 -22.64 27.81 -15.93
N SER B 9 -21.57 28.43 -15.45
CA SER B 9 -20.23 28.23 -16.00
C SER B 9 -19.57 27.02 -15.35
N VAL B 10 -19.17 26.05 -16.17
CA VAL B 10 -18.51 24.84 -15.72
C VAL B 10 -17.31 24.58 -16.62
N VAL B 11 -16.17 24.27 -16.02
CA VAL B 11 -14.98 23.88 -16.78
C VAL B 11 -14.98 22.37 -16.92
N GLU B 12 -14.95 21.89 -18.15
CA GLU B 12 -14.99 20.46 -18.46
C GLU B 12 -13.68 20.03 -19.09
N MET B 13 -13.17 18.88 -18.65
CA MET B 13 -11.89 18.35 -19.12
C MET B 13 -12.10 16.92 -19.60
N GLN B 14 -12.01 16.71 -20.92
CA GLN B 14 -12.14 15.39 -21.50
C GLN B 14 -10.86 14.59 -21.27
N GLY B 15 -11.01 13.26 -21.24
CA GLY B 15 -9.91 12.38 -20.91
C GLY B 15 -9.56 11.34 -21.95
N ASP B 16 -9.24 10.12 -21.51
CA ASP B 16 -8.65 9.11 -22.38
C ASP B 16 -9.35 7.77 -22.20
N GLU B 17 -9.20 6.93 -23.24
CA GLU B 17 -9.46 5.49 -23.20
C GLU B 17 -10.90 5.24 -22.73
N MET B 18 -11.13 4.31 -21.81
CA MET B 18 -12.49 3.88 -21.49
C MET B 18 -13.31 5.00 -20.87
N THR B 19 -12.68 5.83 -20.02
CA THR B 19 -13.41 6.91 -19.38
C THR B 19 -13.82 7.98 -20.39
N ARG B 20 -13.05 8.15 -21.46
CA ARG B 20 -13.42 9.11 -22.49
C ARG B 20 -14.72 8.71 -23.17
N ILE B 21 -14.91 7.41 -23.44
CA ILE B 21 -16.14 6.93 -24.05
C ILE B 21 -17.32 7.12 -23.10
N ILE B 22 -17.14 6.76 -21.83
CA ILE B 22 -18.19 6.94 -20.83
C ILE B 22 -18.53 8.41 -20.67
N TRP B 23 -17.51 9.28 -20.69
CA TRP B 23 -17.71 10.72 -20.53
C TRP B 23 -18.74 11.26 -21.52
N GLU B 24 -18.58 10.90 -22.80
CA GLU B 24 -19.51 11.41 -23.81
C GLU B 24 -20.92 10.86 -23.59
N LEU B 25 -21.02 9.60 -23.13
CA LEU B 25 -22.34 9.03 -22.87
C LEU B 25 -23.04 9.76 -21.72
N ILE B 26 -22.29 10.15 -20.70
CA ILE B 26 -22.87 10.90 -19.58
C ILE B 26 -23.43 12.22 -20.08
N LYS B 27 -22.65 12.93 -20.90
CA LYS B 27 -23.07 14.26 -21.36
C LYS B 27 -24.31 14.18 -22.24
N GLU B 28 -24.34 13.22 -23.17
CA GLU B 28 -25.43 13.19 -24.14
C GLU B 28 -26.70 12.57 -23.57
N LYS B 29 -26.60 11.72 -22.55
CA LYS B 29 -27.77 11.04 -22.00
C LYS B 29 -28.23 11.62 -20.68
N LEU B 30 -27.32 12.12 -19.84
CA LEU B 30 -27.68 12.51 -18.48
C LEU B 30 -27.56 14.00 -18.21
N ILE B 31 -26.77 14.74 -18.99
CA ILE B 31 -26.53 16.16 -18.69
C ILE B 31 -27.20 17.04 -19.73
N PHE B 32 -26.73 16.96 -20.98
CA PHE B 32 -27.17 17.91 -22.00
C PHE B 32 -28.68 17.95 -22.22
N PRO B 33 -29.44 16.84 -22.16
CA PRO B 33 -30.89 16.96 -22.35
C PRO B 33 -31.61 17.76 -21.27
N TYR B 34 -30.99 17.96 -20.10
CA TYR B 34 -31.69 18.56 -18.97
C TYR B 34 -31.05 19.83 -18.43
N VAL B 35 -29.77 20.09 -18.74
CA VAL B 35 -29.06 21.25 -18.21
C VAL B 35 -28.39 21.97 -19.36
N GLU B 36 -28.60 23.29 -19.43
CA GLU B 36 -27.91 24.15 -20.39
C GLU B 36 -26.76 24.84 -19.68
N LEU B 37 -25.54 24.54 -20.09
CA LEU B 37 -24.34 24.99 -19.40
C LEU B 37 -23.60 26.05 -20.21
N ASP B 38 -22.94 26.96 -19.50
CA ASP B 38 -21.92 27.82 -20.09
C ASP B 38 -20.60 27.05 -20.03
N LEU B 39 -20.40 26.20 -21.04
CA LEU B 39 -19.37 25.16 -21.00
C LEU B 39 -18.03 25.71 -21.47
N HIS B 40 -17.00 25.49 -20.67
CA HIS B 40 -15.61 25.82 -21.01
C HIS B 40 -14.85 24.51 -21.07
N SER B 41 -14.74 23.96 -22.28
CA SER B 41 -14.23 22.60 -22.49
C SER B 41 -12.76 22.63 -22.87
N TYR B 42 -11.98 21.77 -22.24
CA TYR B 42 -10.56 21.61 -22.55
C TYR B 42 -10.28 20.13 -22.77
N ASP B 43 -9.80 19.79 -23.96
CA ASP B 43 -9.52 18.40 -24.30
C ASP B 43 -8.18 18.01 -23.68
N LEU B 44 -8.23 17.29 -22.56
CA LEU B 44 -7.03 16.77 -21.92
C LEU B 44 -6.71 15.35 -22.36
N GLY B 45 -7.25 14.91 -23.51
CA GLY B 45 -6.79 13.68 -24.09
C GLY B 45 -5.30 13.74 -24.39
N ILE B 46 -4.67 12.55 -24.37
CA ILE B 46 -3.21 12.49 -24.49
C ILE B 46 -2.73 13.10 -25.80
N GLU B 47 -3.53 12.99 -26.87
CA GLU B 47 -3.10 13.52 -28.15
C GLU B 47 -3.16 15.04 -28.18
N ASN B 48 -4.19 15.63 -27.58
CA ASN B 48 -4.27 17.09 -27.55
C ASN B 48 -3.26 17.69 -26.59
N ARG B 49 -2.94 16.98 -25.51
CA ARG B 49 -1.87 17.44 -24.62
C ARG B 49 -0.52 17.41 -25.33
N ASP B 50 -0.29 16.37 -26.15
CA ASP B 50 0.93 16.32 -26.94
C ASP B 50 0.96 17.43 -27.98
N ALA B 51 -0.18 17.71 -28.61
CA ALA B 51 -0.23 18.72 -29.66
C ALA B 51 0.04 20.12 -29.12
N THR B 52 -0.49 20.42 -27.93
CA THR B 52 -0.32 21.73 -27.31
C THR B 52 0.90 21.79 -26.39
N ASN B 53 1.74 20.75 -26.39
CA ASN B 53 2.89 20.65 -25.49
C ASN B 53 2.47 20.84 -24.04
N ASP B 54 1.34 20.23 -23.68
CA ASP B 54 0.75 20.21 -22.35
C ASP B 54 0.24 21.56 -21.88
N GLN B 55 0.22 22.58 -22.75
CA GLN B 55 -0.29 23.88 -22.34
C GLN B 55 -1.80 23.83 -22.07
N VAL B 56 -2.52 22.92 -22.74
CA VAL B 56 -3.96 22.80 -22.52
C VAL B 56 -4.25 22.43 -21.08
N THR B 57 -3.35 21.69 -20.43
CA THR B 57 -3.53 21.34 -19.02
C THR B 57 -3.46 22.58 -18.13
N LYS B 58 -2.44 23.41 -18.35
CA LYS B 58 -2.33 24.66 -17.59
C LYS B 58 -3.50 25.60 -17.89
N ASP B 59 -3.95 25.63 -19.14
CA ASP B 59 -5.10 26.45 -19.49
C ASP B 59 -6.35 26.02 -18.72
N ALA B 60 -6.55 24.71 -18.59
CA ALA B 60 -7.71 24.21 -17.86
C ALA B 60 -7.65 24.58 -16.38
N ALA B 61 -6.48 24.48 -15.78
CA ALA B 61 -6.34 24.83 -14.36
C ALA B 61 -6.67 26.30 -14.12
N GLU B 62 -6.18 27.19 -15.00
CA GLU B 62 -6.50 28.60 -14.86
C GLU B 62 -7.98 28.86 -15.07
N ALA B 63 -8.61 28.11 -15.97
CA ALA B 63 -10.05 28.23 -16.16
C ALA B 63 -10.81 27.83 -14.91
N ILE B 64 -10.34 26.77 -14.22
CA ILE B 64 -10.97 26.36 -12.97
C ILE B 64 -10.84 27.45 -11.92
N LYS B 65 -9.67 28.08 -11.87
CA LYS B 65 -9.47 29.20 -10.93
C LYS B 65 -10.45 30.33 -11.21
N LYS B 66 -10.74 30.58 -12.49
CA LYS B 66 -11.60 31.70 -12.84
C LYS B 66 -13.07 31.40 -12.60
N HIS B 67 -13.53 30.20 -12.97
CA HIS B 67 -14.95 29.86 -12.91
C HIS B 67 -15.34 29.08 -11.66
N ASN B 68 -14.36 28.56 -10.91
CA ASN B 68 -14.52 27.94 -9.59
C ASN B 68 -15.11 26.53 -9.62
N VAL B 69 -15.47 26.01 -10.79
CA VAL B 69 -16.03 24.65 -10.87
C VAL B 69 -15.37 23.93 -12.04
N GLY B 70 -14.77 22.78 -11.75
CA GLY B 70 -14.20 21.94 -12.79
C GLY B 70 -14.62 20.50 -12.62
N VAL B 71 -14.86 19.84 -13.74
CA VAL B 71 -15.22 18.42 -13.77
CA VAL B 71 -15.20 18.42 -13.76
C VAL B 71 -14.28 17.74 -14.76
N LYS B 72 -13.49 16.78 -14.28
CA LYS B 72 -12.42 16.18 -15.07
C LYS B 72 -12.63 14.69 -15.29
N CYS B 73 -12.42 14.26 -16.53
CA CYS B 73 -12.35 12.86 -16.90
C CYS B 73 -10.93 12.33 -16.68
N ALA B 74 -10.84 11.04 -16.38
CA ALA B 74 -9.54 10.42 -16.12
C ALA B 74 -8.65 10.52 -17.36
N THR B 75 -7.36 10.72 -17.13
CA THR B 75 -6.39 10.96 -18.20
C THR B 75 -5.21 10.02 -18.09
N ILE B 76 -4.55 9.79 -19.22
CA ILE B 76 -3.33 8.99 -19.25
C ILE B 76 -2.17 9.83 -18.75
N THR B 77 -1.41 9.30 -17.81
CA THR B 77 -0.13 9.89 -17.44
C THR B 77 0.96 9.06 -18.09
N PRO B 78 1.70 9.60 -19.06
CA PRO B 78 2.55 8.74 -19.91
C PRO B 78 3.88 8.38 -19.27
N ASP B 79 4.29 7.13 -19.52
CA ASP B 79 5.67 6.72 -19.28
C ASP B 79 6.29 6.34 -20.62
N GLU B 80 7.39 5.58 -20.60
CA GLU B 80 8.07 5.23 -21.85
C GLU B 80 7.16 4.42 -22.77
N LYS B 81 6.36 3.52 -22.19
CA LYS B 81 5.46 2.70 -23.01
C LYS B 81 4.42 3.57 -23.72
N ARG B 82 3.91 4.59 -23.03
CA ARG B 82 2.92 5.48 -23.65
C ARG B 82 3.55 6.36 -24.71
N VAL B 83 4.81 6.76 -24.54
CA VAL B 83 5.49 7.56 -25.55
C VAL B 83 5.55 6.82 -26.87
N GLU B 84 5.91 5.53 -26.82
CA GLU B 84 5.95 4.74 -28.05
C GLU B 84 4.56 4.47 -28.60
N GLU B 85 3.57 4.32 -27.72
CA GLU B 85 2.22 4.01 -28.18
C GLU B 85 1.61 5.17 -28.97
N PHE B 86 1.77 6.39 -28.48
CA PHE B 86 1.17 7.56 -29.12
C PHE B 86 2.18 8.42 -29.86
N LYS B 87 3.45 8.00 -29.92
CA LYS B 87 4.52 8.78 -30.54
C LYS B 87 4.57 10.20 -29.97
N LEU B 88 4.66 10.26 -28.64
CA LEU B 88 4.62 11.53 -27.94
C LEU B 88 5.94 12.27 -28.07
N LYS B 89 5.88 13.60 -27.90
CA LYS B 89 7.08 14.41 -27.93
C LYS B 89 7.94 14.21 -26.68
N GLN B 90 7.31 13.90 -25.56
CA GLN B 90 8.03 13.63 -24.32
C GLN B 90 7.06 13.01 -23.31
N MET B 91 7.61 12.61 -22.17
CA MET B 91 6.84 12.00 -21.08
C MET B 91 6.19 13.10 -20.27
N TRP B 92 4.99 13.51 -20.70
CA TRP B 92 4.31 14.61 -20.04
C TRP B 92 3.98 14.26 -18.59
N LYS B 93 4.07 15.26 -17.73
CA LYS B 93 3.72 15.06 -16.33
C LYS B 93 2.22 14.86 -16.18
N SER B 94 1.84 14.22 -15.08
CA SER B 94 0.44 13.91 -14.84
C SER B 94 -0.39 15.20 -14.85
N PRO B 95 -1.49 15.24 -15.62
CA PRO B 95 -2.34 16.44 -15.59
C PRO B 95 -2.96 16.69 -14.23
N ASN B 96 -3.23 15.63 -13.46
CA ASN B 96 -3.77 15.81 -12.12
C ASN B 96 -2.77 16.50 -11.22
N GLY B 97 -1.50 16.07 -11.26
CA GLY B 97 -0.48 16.74 -10.47
C GLY B 97 -0.33 18.20 -10.86
N THR B 98 -0.38 18.50 -12.15
CA THR B 98 -0.29 19.88 -12.62
C THR B 98 -1.46 20.71 -12.11
N ILE B 99 -2.67 20.19 -12.25
CA ILE B 99 -3.86 20.92 -11.84
C ILE B 99 -3.88 21.09 -10.32
N ARG B 100 -3.59 20.02 -9.59
CA ARG B 100 -3.65 20.09 -8.13
C ARG B 100 -2.58 21.03 -7.57
N ASN B 101 -1.39 21.02 -8.17
N ASN B 101 -1.40 21.06 -8.18
CA ASN B 101 -0.33 21.93 -7.73
CA ASN B 101 -0.35 21.94 -7.67
C ASN B 101 -0.73 23.39 -7.94
C ASN B 101 -0.54 23.39 -8.08
N ILE B 102 -1.41 23.67 -9.05
CA ILE B 102 -1.80 25.04 -9.35
C ILE B 102 -2.95 25.48 -8.44
N LEU B 103 -3.93 24.59 -8.25
CA LEU B 103 -5.09 24.92 -7.42
C LEU B 103 -4.77 24.79 -5.94
N GLY B 104 -4.03 23.76 -5.55
CA GLY B 104 -3.78 23.48 -4.15
C GLY B 104 -5.03 22.93 -3.47
N GLY B 105 -4.86 22.63 -2.19
CA GLY B 105 -5.98 22.20 -1.37
C GLY B 105 -5.95 20.76 -0.93
N THR B 106 -7.13 20.19 -0.69
CA THR B 106 -7.27 18.82 -0.19
C THR B 106 -8.26 18.08 -1.06
N VAL B 107 -7.91 16.85 -1.42
CA VAL B 107 -8.79 15.98 -2.20
C VAL B 107 -9.55 15.09 -1.22
N PHE B 108 -10.87 15.21 -1.21
CA PHE B 108 -11.72 14.41 -0.34
C PHE B 108 -12.34 13.29 -1.18
N ARG B 109 -12.14 12.06 -0.75
CA ARG B 109 -12.58 10.87 -1.49
C ARG B 109 -13.38 9.98 -0.57
N GLU B 110 -14.47 9.44 -1.10
CA GLU B 110 -15.41 8.65 -0.30
C GLU B 110 -16.15 7.69 -1.21
N ALA B 111 -16.40 6.49 -0.69
CA ALA B 111 -17.07 5.47 -1.49
C ALA B 111 -18.56 5.78 -1.63
N ILE B 112 -19.14 5.32 -2.73
CA ILE B 112 -20.56 5.43 -2.99
C ILE B 112 -21.20 4.10 -2.61
N ILE B 113 -22.12 4.14 -1.64
CA ILE B 113 -22.61 2.94 -0.97
C ILE B 113 -24.03 2.62 -1.45
N CYS B 114 -24.24 1.38 -1.87
CA CYS B 114 -25.55 0.84 -2.18
C CYS B 114 -25.82 -0.34 -1.25
N LYS B 115 -27.10 -0.49 -0.87
CA LYS B 115 -27.44 -1.43 0.21
C LYS B 115 -27.23 -2.88 -0.18
N ASN B 116 -27.27 -3.19 -1.48
CA ASN B 116 -27.22 -4.58 -1.94
C ASN B 116 -25.83 -5.02 -2.38
N ILE B 117 -24.80 -4.24 -2.08
CA ILE B 117 -23.44 -4.52 -2.52
C ILE B 117 -22.63 -4.98 -1.31
N PRO B 118 -22.28 -6.26 -1.22
CA PRO B 118 -21.42 -6.70 -0.10
C PRO B 118 -20.03 -6.10 -0.20
N ARG B 119 -19.43 -5.85 0.96
CA ARG B 119 -18.09 -5.30 1.03
C ARG B 119 -17.05 -6.41 1.09
N LEU B 120 -15.80 -6.03 0.84
CA LEU B 120 -14.69 -6.95 1.08
C LEU B 120 -14.27 -6.94 2.55
N VAL B 121 -14.42 -5.79 3.21
CA VAL B 121 -14.15 -5.65 4.64
C VAL B 121 -15.49 -5.58 5.34
N SER B 122 -15.88 -6.68 5.98
CA SER B 122 -17.21 -6.77 6.59
CA SER B 122 -17.21 -6.78 6.59
C SER B 122 -17.41 -5.78 7.72
N GLY B 123 -16.32 -5.34 8.37
CA GLY B 123 -16.47 -4.45 9.51
C GLY B 123 -16.86 -3.03 9.17
N TRP B 124 -16.67 -2.61 7.91
CA TRP B 124 -16.87 -1.21 7.51
C TRP B 124 -18.35 -0.91 7.35
N VAL B 125 -19.04 -0.80 8.49
CA VAL B 125 -20.46 -0.46 8.45
C VAL B 125 -20.69 1.04 8.28
N LYS B 126 -19.67 1.86 8.50
CA LYS B 126 -19.75 3.31 8.31
C LYS B 126 -18.74 3.73 7.25
N PRO B 127 -18.98 4.88 6.60
CA PRO B 127 -18.06 5.31 5.54
C PRO B 127 -16.73 5.80 6.09
N ILE B 128 -15.72 5.76 5.22
CA ILE B 128 -14.40 6.29 5.51
C ILE B 128 -14.10 7.37 4.48
N ILE B 129 -13.76 8.57 4.94
CA ILE B 129 -13.48 9.71 4.09
C ILE B 129 -11.98 9.97 4.12
N ILE B 130 -11.35 9.93 2.95
CA ILE B 130 -9.92 10.16 2.83
CA ILE B 130 -9.92 10.16 2.83
C ILE B 130 -9.68 11.64 2.58
N GLY B 131 -8.87 12.27 3.44
CA GLY B 131 -8.47 13.64 3.26
C GLY B 131 -7.07 13.71 2.70
N HIS B 132 -6.96 13.91 1.39
CA HIS B 132 -5.74 13.68 0.64
C HIS B 132 -5.09 15.02 0.30
N HIS B 133 -3.93 15.29 0.90
CA HIS B 133 -3.19 16.51 0.60
C HIS B 133 -2.79 16.53 -0.87
N ALA B 134 -3.19 17.57 -1.58
CA ALA B 134 -3.06 17.62 -3.03
C ALA B 134 -1.79 18.29 -3.52
N TYR B 135 -0.90 18.70 -2.62
CA TYR B 135 0.26 19.51 -2.98
C TYR B 135 1.56 18.83 -2.58
N GLY B 136 2.58 18.98 -3.43
CA GLY B 136 3.94 18.60 -3.09
C GLY B 136 4.20 17.10 -3.05
N ASP B 137 5.30 16.77 -2.37
CA ASP B 137 5.77 15.38 -2.18
C ASP B 137 6.08 14.80 -3.56
N GLN B 138 5.71 13.55 -3.83
CA GLN B 138 6.14 12.86 -5.03
C GLN B 138 5.60 13.50 -6.31
N TYR B 139 4.46 14.21 -6.25
CA TYR B 139 3.87 14.78 -7.45
C TYR B 139 4.57 16.05 -7.91
N ARG B 140 5.45 16.62 -7.09
CA ARG B 140 6.26 17.76 -7.48
C ARG B 140 7.75 17.46 -7.28
N ALA B 141 8.11 16.19 -7.32
CA ALA B 141 9.46 15.76 -7.03
C ALA B 141 10.38 15.96 -8.24
N THR B 142 11.67 15.95 -7.96
CA THR B 142 12.72 16.06 -8.98
C THR B 142 13.58 14.80 -8.88
N ASP B 143 13.36 13.86 -9.80
CA ASP B 143 14.07 12.58 -9.79
C ASP B 143 14.90 12.44 -11.05
N PHE B 144 15.99 11.65 -10.94
CA PHE B 144 16.87 11.46 -12.09
C PHE B 144 17.63 10.15 -11.93
N VAL B 145 18.13 9.66 -13.07
CA VAL B 145 18.98 8.48 -13.10
C VAL B 145 20.41 8.89 -12.74
N VAL B 146 21.02 8.14 -11.83
CA VAL B 146 22.44 8.32 -11.51
C VAL B 146 23.24 7.39 -12.41
N PRO B 147 23.97 7.91 -13.40
CA PRO B 147 24.56 7.03 -14.42
C PRO B 147 25.77 6.25 -13.94
N GLY B 148 26.44 6.69 -12.88
CA GLY B 148 27.63 6.01 -12.41
C GLY B 148 28.13 6.56 -11.09
N PRO B 149 29.34 6.16 -10.71
CA PRO B 149 29.89 6.61 -9.42
C PRO B 149 29.95 8.12 -9.34
N GLY B 150 29.67 8.63 -8.14
CA GLY B 150 29.61 10.06 -7.93
C GLY B 150 28.83 10.38 -6.67
N LYS B 151 28.80 11.67 -6.36
CA LYS B 151 28.22 12.16 -5.12
C LYS B 151 26.93 12.92 -5.41
N VAL B 152 25.85 12.53 -4.75
CA VAL B 152 24.57 13.21 -4.83
C VAL B 152 24.37 14.01 -3.54
N GLU B 153 24.12 15.30 -3.68
CA GLU B 153 23.92 16.19 -2.54
C GLU B 153 22.64 16.99 -2.74
N ILE B 154 22.06 17.43 -1.62
CA ILE B 154 20.93 18.34 -1.63
C ILE B 154 21.32 19.56 -0.81
N THR B 155 21.10 20.74 -1.39
CA THR B 155 21.57 21.99 -0.79
C THR B 155 20.40 22.92 -0.54
N TYR B 156 20.55 23.79 0.46
CA TYR B 156 19.59 24.84 0.77
C TYR B 156 20.34 26.17 0.81
N THR B 157 19.95 27.09 -0.07
CA THR B 157 20.56 28.42 -0.14
C THR B 157 19.55 29.45 0.37
N PRO B 158 19.69 29.94 1.59
CA PRO B 158 18.64 30.79 2.18
C PRO B 158 18.60 32.17 1.53
N SER B 159 17.39 32.73 1.48
CA SER B 159 17.20 34.05 0.89
C SER B 159 17.89 35.14 1.71
N ASP B 160 18.09 34.92 3.01
CA ASP B 160 18.63 35.95 3.88
C ASP B 160 20.14 36.10 3.70
N GLY B 161 20.68 35.56 2.61
CA GLY B 161 22.07 35.78 2.25
C GLY B 161 23.09 34.96 3.01
N THR B 162 22.71 34.27 4.09
CA THR B 162 23.67 33.52 4.87
C THR B 162 24.16 32.29 4.10
N GLN B 163 25.01 31.51 4.76
CA GLN B 163 25.74 30.46 4.06
C GLN B 163 24.82 29.34 3.59
N LYS B 164 25.16 28.77 2.43
CA LYS B 164 24.42 27.63 1.91
C LYS B 164 24.65 26.40 2.78
N VAL B 165 23.60 25.59 2.94
CA VAL B 165 23.65 24.36 3.71
C VAL B 165 23.63 23.18 2.75
N THR B 166 24.60 22.29 2.89
CA THR B 166 24.76 21.15 1.98
C THR B 166 24.60 19.85 2.77
N TYR B 167 23.70 18.98 2.30
CA TYR B 167 23.49 17.67 2.88
C TYR B 167 23.91 16.60 1.87
N LEU B 168 24.67 15.62 2.34
CA LEU B 168 25.04 14.48 1.51
C LEU B 168 23.85 13.52 1.43
N VAL B 169 23.40 13.22 0.21
CA VAL B 169 22.36 12.22 0.03
C VAL B 169 22.96 10.82 -0.08
N HIS B 170 23.94 10.65 -0.97
CA HIS B 170 24.61 9.37 -1.12
C HIS B 170 25.83 9.55 -2.01
N ASN B 171 26.89 8.82 -1.72
CA ASN B 171 28.06 8.72 -2.59
C ASN B 171 28.01 7.35 -3.27
N PHE B 172 27.66 7.35 -4.55
CA PHE B 172 27.69 6.12 -5.34
C PHE B 172 29.15 5.75 -5.62
N GLU B 173 29.57 4.58 -5.16
CA GLU B 173 30.99 4.22 -5.19
C GLU B 173 31.35 3.23 -6.30
N GLU B 174 30.51 2.23 -6.56
CA GLU B 174 30.84 1.22 -7.55
C GLU B 174 29.84 1.13 -8.70
N GLY B 175 28.74 1.85 -8.66
CA GLY B 175 27.78 1.80 -9.73
C GLY B 175 26.88 3.01 -9.74
N GLY B 176 25.78 2.89 -10.47
CA GLY B 176 24.78 3.93 -10.57
C GLY B 176 23.50 3.57 -9.83
N GLY B 177 22.47 4.36 -10.11
CA GLY B 177 21.18 4.13 -9.49
C GLY B 177 20.21 5.27 -9.75
N VAL B 178 19.45 5.66 -8.73
CA VAL B 178 18.48 6.73 -8.85
C VAL B 178 18.59 7.62 -7.61
N ALA B 179 18.23 8.89 -7.79
CA ALA B 179 18.13 9.84 -6.70
C ALA B 179 16.97 10.78 -6.98
N MET B 180 16.47 11.41 -5.92
CA MET B 180 15.35 12.32 -6.08
CA MET B 180 15.35 12.32 -6.08
C MET B 180 15.31 13.27 -4.89
N GLY B 181 14.74 14.44 -5.13
CA GLY B 181 14.48 15.39 -4.07
C GLY B 181 13.03 15.83 -4.15
N MET B 182 12.42 16.02 -2.99
CA MET B 182 11.05 16.48 -2.91
C MET B 182 10.90 17.40 -1.71
N TYR B 183 9.74 18.07 -1.63
CA TYR B 183 9.56 19.14 -0.69
C TYR B 183 8.08 19.28 -0.35
N ASN B 184 7.80 20.08 0.68
CA ASN B 184 6.46 20.58 0.93
C ASN B 184 6.58 21.91 1.63
N GLN B 185 5.45 22.60 1.74
CA GLN B 185 5.40 24.00 2.16
C GLN B 185 4.55 24.13 3.41
N ASP B 186 5.01 24.97 4.35
CA ASP B 186 4.33 25.12 5.63
C ASP B 186 2.88 25.57 5.45
N LYS B 187 2.65 26.56 4.59
CA LYS B 187 1.30 27.11 4.44
C LYS B 187 0.34 26.09 3.86
N SER B 188 0.79 25.29 2.89
CA SER B 188 -0.09 24.27 2.32
C SER B 188 -0.40 23.17 3.32
N ILE B 189 0.58 22.83 4.18
CA ILE B 189 0.31 21.87 5.26
C ILE B 189 -0.72 22.45 6.22
N GLU B 190 -0.63 23.74 6.52
CA GLU B 190 -1.57 24.36 7.43
C GLU B 190 -2.98 24.36 6.85
N ASP B 191 -3.12 24.69 5.56
CA ASP B 191 -4.43 24.63 4.91
C ASP B 191 -4.93 23.19 4.85
N PHE B 192 -4.03 22.23 4.62
CA PHE B 192 -4.39 20.83 4.67
C PHE B 192 -4.97 20.46 6.03
N ALA B 193 -4.35 20.94 7.11
CA ALA B 193 -4.85 20.68 8.44
C ALA B 193 -6.23 21.30 8.65
N HIS B 194 -6.39 22.56 8.24
CA HIS B 194 -7.66 23.25 8.45
C HIS B 194 -8.80 22.55 7.72
N SER B 195 -8.58 22.13 6.47
CA SER B 195 -9.62 21.42 5.74
C SER B 195 -9.94 20.09 6.40
N SER B 196 -8.93 19.42 6.95
CA SER B 196 -9.15 18.14 7.61
C SER B 196 -9.98 18.30 8.88
N PHE B 197 -9.62 19.27 9.72
CA PHE B 197 -10.37 19.50 10.96
C PHE B 197 -11.80 19.92 10.66
N GLN B 198 -11.98 20.77 9.64
CA GLN B 198 -13.32 21.26 9.32
C GLN B 198 -14.19 20.14 8.74
N MET B 199 -13.60 19.27 7.93
CA MET B 199 -14.36 18.12 7.42
C MET B 199 -14.80 17.21 8.55
N ALA B 200 -13.92 16.96 9.52
CA ALA B 200 -14.26 16.09 10.64
C ALA B 200 -15.39 16.69 11.47
N LEU B 201 -15.34 18.01 11.70
CA LEU B 201 -16.39 18.66 12.49
C LEU B 201 -17.71 18.71 11.73
N SER B 202 -17.67 18.79 10.40
CA SER B 202 -18.90 18.82 9.63
CA SER B 202 -18.89 18.82 9.63
C SER B 202 -19.60 17.47 9.64
N LYS B 203 -18.83 16.39 9.59
CA LYS B 203 -19.39 15.04 9.62
C LYS B 203 -19.63 14.52 11.02
N GLY B 204 -19.04 15.14 12.04
CA GLY B 204 -19.15 14.61 13.39
C GLY B 204 -18.37 13.34 13.61
N TRP B 205 -17.23 13.18 12.94
CA TRP B 205 -16.40 11.99 13.02
C TRP B 205 -15.01 12.33 13.50
N PRO B 206 -14.33 11.41 14.19
CA PRO B 206 -12.93 11.66 14.56
C PRO B 206 -12.03 11.73 13.34
N LEU B 207 -10.86 12.33 13.54
CA LEU B 207 -9.89 12.56 12.48
C LEU B 207 -8.55 11.93 12.85
N TYR B 208 -7.92 11.28 11.88
CA TYR B 208 -6.59 10.71 12.05
C TYR B 208 -5.68 11.19 10.95
N LEU B 209 -4.46 11.56 11.32
CA LEU B 209 -3.40 11.89 10.37
C LEU B 209 -2.32 10.81 10.47
N SER B 210 -1.94 10.26 9.33
CA SER B 210 -0.92 9.22 9.25
C SER B 210 0.36 9.79 8.65
N THR B 211 1.48 9.55 9.32
CA THR B 211 2.79 9.92 8.80
C THR B 211 3.76 8.77 9.06
N LYS B 212 4.99 8.91 8.55
CA LYS B 212 6.08 8.00 8.86
C LYS B 212 7.16 8.77 9.60
N ASN B 213 6.76 9.51 10.65
CA ASN B 213 7.71 10.37 11.36
C ASN B 213 8.73 9.60 12.17
N THR B 214 8.60 8.28 12.28
CA THR B 214 9.65 7.47 12.89
C THR B 214 10.88 7.40 12.00
N ILE B 215 10.69 7.53 10.69
CA ILE B 215 11.78 7.46 9.73
C ILE B 215 12.15 8.85 9.21
N LEU B 216 11.16 9.62 8.77
CA LEU B 216 11.39 11.00 8.33
C LEU B 216 11.02 11.93 9.48
N LYS B 217 11.96 12.04 10.43
CA LYS B 217 11.68 12.77 11.65
C LYS B 217 11.48 14.26 11.41
N LYS B 218 12.16 14.84 10.42
CA LYS B 218 11.99 16.25 10.11
C LYS B 218 10.87 16.48 9.12
N TYR B 219 10.87 15.72 8.01
CA TYR B 219 9.87 15.92 6.96
C TYR B 219 8.47 15.62 7.48
N ASP B 220 8.23 14.40 7.95
CA ASP B 220 6.91 14.03 8.46
C ASP B 220 6.65 14.60 9.85
N GLY B 221 7.70 14.90 10.61
CA GLY B 221 7.51 15.55 11.89
C GLY B 221 6.88 16.93 11.75
N ARG B 222 7.16 17.61 10.64
CA ARG B 222 6.53 18.90 10.38
C ARG B 222 5.02 18.76 10.20
N PHE B 223 4.58 17.73 9.47
CA PHE B 223 3.15 17.47 9.33
C PHE B 223 2.51 17.21 10.69
N LYS B 224 3.13 16.35 11.49
CA LYS B 224 2.60 16.03 12.81
C LYS B 224 2.55 17.27 13.70
N ASP B 225 3.60 18.09 13.67
CA ASP B 225 3.66 19.27 14.53
C ASP B 225 2.63 20.30 14.13
N ILE B 226 2.47 20.55 12.82
CA ILE B 226 1.54 21.58 12.37
C ILE B 226 0.10 21.18 12.68
N PHE B 227 -0.24 19.92 12.46
CA PHE B 227 -1.58 19.44 12.77
C PHE B 227 -1.88 19.58 14.27
N GLN B 228 -0.93 19.18 15.11
CA GLN B 228 -1.15 19.24 16.55
C GLN B 228 -1.25 20.68 17.04
N GLU B 229 -0.42 21.57 16.48
CA GLU B 229 -0.48 22.97 16.87
C GLU B 229 -1.83 23.58 16.55
N ILE B 230 -2.33 23.34 15.33
CA ILE B 230 -3.60 23.92 14.91
C ILE B 230 -4.76 23.30 15.67
N TYR B 231 -4.66 22.00 15.98
CA TYR B 231 -5.72 21.33 16.73
C TYR B 231 -5.85 21.91 18.14
N ASP B 232 -4.74 21.96 18.87
CA ASP B 232 -4.78 22.40 20.26
C ASP B 232 -5.29 23.83 20.39
N LYS B 233 -4.99 24.69 19.43
CA LYS B 233 -5.26 26.11 19.55
C LYS B 233 -6.57 26.56 18.90
N GLN B 234 -7.12 25.78 17.98
CA GLN B 234 -8.27 26.25 17.21
C GLN B 234 -9.43 25.27 17.11
N TYR B 235 -9.24 23.98 17.40
CA TYR B 235 -10.27 22.99 17.14
C TYR B 235 -10.55 22.01 18.26
N LYS B 236 -9.65 21.87 19.24
CA LYS B 236 -9.77 20.78 20.22
C LYS B 236 -11.08 20.89 21.00
N SER B 237 -11.42 22.08 21.47
CA SER B 237 -12.64 22.26 22.25
CA SER B 237 -12.64 22.25 22.24
C SER B 237 -13.88 21.93 21.41
N GLN B 238 -13.85 22.25 20.12
CA GLN B 238 -14.98 21.95 19.25
C GLN B 238 -15.13 20.46 19.02
N PHE B 239 -14.01 19.76 18.82
CA PHE B 239 -14.04 18.30 18.72
C PHE B 239 -14.64 17.68 19.97
N GLU B 240 -14.16 18.12 21.15
CA GLU B 240 -14.65 17.55 22.40
C GLU B 240 -16.11 17.86 22.63
N ALA B 241 -16.61 18.98 22.08
CA ALA B 241 -18.02 19.28 22.19
C ALA B 241 -18.87 18.26 21.44
N GLN B 242 -18.37 17.73 20.34
CA GLN B 242 -19.05 16.69 19.58
C GLN B 242 -18.59 15.28 19.99
N LYS B 243 -17.82 15.16 21.07
CA LYS B 243 -17.31 13.88 21.55
C LYS B 243 -16.50 13.15 20.48
N ILE B 244 -15.78 13.90 19.64
CA ILE B 244 -14.84 13.32 18.70
C ILE B 244 -13.44 13.78 19.07
N TRP B 245 -12.45 13.43 18.25
CA TRP B 245 -11.06 13.68 18.61
C TRP B 245 -10.20 13.66 17.36
N TYR B 246 -9.00 14.21 17.49
CA TYR B 246 -7.96 14.08 16.49
C TYR B 246 -6.75 13.40 17.11
N GLU B 247 -6.15 12.45 16.37
CA GLU B 247 -4.95 11.77 16.83
C GLU B 247 -4.04 11.47 15.65
N HIS B 248 -2.75 11.71 15.85
CA HIS B 248 -1.75 11.28 14.88
C HIS B 248 -1.51 9.79 15.00
N ARG B 249 -1.21 9.16 13.86
CA ARG B 249 -0.96 7.73 13.82
C ARG B 249 0.23 7.45 12.92
N LEU B 250 1.07 6.52 13.32
CA LEU B 250 2.05 5.98 12.38
C LEU B 250 1.30 5.26 11.27
N ILE B 251 1.76 5.47 10.03
CA ILE B 251 1.05 4.92 8.88
C ILE B 251 0.91 3.42 9.00
N ASP B 252 1.92 2.75 9.56
CA ASP B 252 1.82 1.31 9.81
C ASP B 252 0.63 1.00 10.70
N ASP B 253 0.50 1.71 11.82
CA ASP B 253 -0.60 1.45 12.75
C ASP B 253 -1.94 1.84 12.15
N MET B 254 -1.98 2.92 11.37
CA MET B 254 -3.25 3.41 10.84
C MET B 254 -3.85 2.44 9.83
N VAL B 255 -3.02 1.86 8.97
CA VAL B 255 -3.52 0.93 7.96
C VAL B 255 -4.15 -0.30 8.64
N ALA B 256 -3.47 -0.84 9.66
CA ALA B 256 -4.03 -1.96 10.39
C ALA B 256 -5.25 -1.55 11.20
N GLN B 257 -5.20 -0.35 11.81
CA GLN B 257 -6.34 0.13 12.56
C GLN B 257 -7.56 0.32 11.67
N ALA B 258 -7.36 0.87 10.47
CA ALA B 258 -8.48 1.08 9.56
C ALA B 258 -9.10 -0.24 9.13
N MET B 259 -8.28 -1.26 8.89
CA MET B 259 -8.81 -2.55 8.45
C MET B 259 -9.63 -3.22 9.53
N LYS B 260 -9.29 -3.01 10.80
CA LYS B 260 -10.05 -3.58 11.91
C LYS B 260 -11.23 -2.72 12.32
N SER B 261 -11.38 -1.53 11.75
CA SER B 261 -12.30 -0.54 12.30
C SER B 261 -13.72 -0.78 11.82
N GLU B 262 -14.63 0.06 12.32
CA GLU B 262 -16.01 0.11 11.89
C GLU B 262 -16.24 1.15 10.79
N GLY B 263 -15.18 1.82 10.34
CA GLY B 263 -15.38 2.99 9.51
C GLY B 263 -15.82 4.17 10.37
N GLY B 264 -16.29 5.21 9.69
CA GLY B 264 -16.80 6.38 10.39
C GLY B 264 -15.72 7.29 10.93
N PHE B 265 -14.72 7.60 10.11
CA PHE B 265 -13.68 8.53 10.50
C PHE B 265 -13.13 9.23 9.27
N ILE B 266 -12.47 10.36 9.49
CA ILE B 266 -11.76 11.09 8.45
C ILE B 266 -10.29 10.70 8.54
N TRP B 267 -9.70 10.32 7.40
CA TRP B 267 -8.32 9.87 7.33
C TRP B 267 -7.52 10.90 6.54
N ALA B 268 -6.84 11.79 7.26
CA ALA B 268 -5.95 12.76 6.63
C ALA B 268 -4.67 12.06 6.18
N CYS B 269 -4.41 12.09 4.88
CA CYS B 269 -3.29 11.38 4.29
C CYS B 269 -2.38 12.35 3.53
N LYS B 270 -1.08 12.09 3.60
CA LYS B 270 -0.16 12.79 2.72
C LYS B 270 -0.39 12.35 1.27
N ASN B 271 0.25 13.07 0.35
CA ASN B 271 -0.04 12.90 -1.07
C ASN B 271 0.07 11.44 -1.51
N TYR B 272 1.21 10.80 -1.21
CA TYR B 272 1.43 9.43 -1.65
C TYR B 272 0.44 8.47 -0.99
N ASP B 273 0.28 8.57 0.32
CA ASP B 273 -0.60 7.66 1.04
C ASP B 273 -2.05 7.80 0.59
N GLY B 274 -2.53 9.04 0.45
CA GLY B 274 -3.90 9.26 0.00
C GLY B 274 -4.15 8.68 -1.37
N ASP B 275 -3.12 8.63 -2.21
CA ASP B 275 -3.26 7.99 -3.51
C ASP B 275 -3.54 6.51 -3.37
N VAL B 276 -2.78 5.82 -2.52
CA VAL B 276 -2.96 4.39 -2.35
C VAL B 276 -4.26 4.09 -1.62
N GLN B 277 -4.55 4.85 -0.56
CA GLN B 277 -5.73 4.56 0.25
C GLN B 277 -7.02 4.80 -0.52
N SER B 278 -6.99 5.70 -1.50
CA SER B 278 -8.20 5.96 -2.31
CA SER B 278 -8.19 5.95 -2.30
C SER B 278 -8.65 4.69 -3.02
N ASP B 279 -7.72 4.01 -3.69
CA ASP B 279 -8.06 2.76 -4.37
C ASP B 279 -8.35 1.66 -3.36
N SER B 280 -7.56 1.58 -2.29
CA SER B 280 -7.73 0.49 -1.32
CA SER B 280 -7.73 0.49 -1.32
C SER B 280 -9.08 0.58 -0.61
N VAL B 281 -9.44 1.77 -0.14
CA VAL B 281 -10.71 1.93 0.57
C VAL B 281 -11.87 1.73 -0.39
N ALA B 282 -11.76 2.22 -1.61
CA ALA B 282 -12.80 2.00 -2.61
C ALA B 282 -13.04 0.52 -2.84
N GLN B 283 -11.96 -0.24 -2.98
CA GLN B 283 -12.09 -1.68 -3.22
C GLN B 283 -12.69 -2.39 -2.01
N GLY B 284 -12.32 -1.96 -0.80
CA GLY B 284 -12.87 -2.58 0.40
C GLY B 284 -14.37 -2.43 0.51
N TYR B 285 -14.92 -1.33 0.00
CA TYR B 285 -16.37 -1.14 0.01
C TYR B 285 -17.05 -1.80 -1.18
N GLY B 286 -16.32 -2.10 -2.25
CA GLY B 286 -16.92 -2.80 -3.37
C GLY B 286 -16.20 -2.67 -4.70
N SER B 287 -15.96 -1.44 -5.16
CA SER B 287 -15.42 -1.25 -6.50
C SER B 287 -14.78 0.12 -6.60
N LEU B 288 -13.73 0.20 -7.42
CA LEU B 288 -13.13 1.49 -7.74
C LEU B 288 -14.10 2.39 -8.48
N GLY B 289 -15.06 1.81 -9.20
CA GLY B 289 -16.07 2.60 -9.88
C GLY B 289 -17.09 3.24 -8.97
N MET B 290 -17.04 2.98 -7.66
CA MET B 290 -18.00 3.50 -6.70
C MET B 290 -17.25 4.37 -5.68
N MET B 291 -16.70 5.49 -6.15
CA MET B 291 -15.96 6.39 -5.28
C MET B 291 -15.97 7.79 -5.87
N THR B 292 -16.29 8.78 -5.04
CA THR B 292 -16.21 10.17 -5.42
C THR B 292 -14.86 10.76 -5.03
N SER B 293 -14.51 11.87 -5.66
CA SER B 293 -13.29 12.59 -5.32
C SER B 293 -13.46 14.04 -5.71
N VAL B 294 -13.34 14.94 -4.73
CA VAL B 294 -13.53 16.37 -4.94
C VAL B 294 -12.33 17.09 -4.34
N LEU B 295 -11.56 17.78 -5.19
CA LEU B 295 -10.51 18.66 -4.70
C LEU B 295 -11.13 19.98 -4.26
N VAL B 296 -10.91 20.35 -3.00
CA VAL B 296 -11.43 21.60 -2.45
C VAL B 296 -10.25 22.51 -2.16
N CYS B 297 -10.19 23.64 -2.85
CA CYS B 297 -9.11 24.60 -2.67
C CYS B 297 -9.26 25.31 -1.31
N PRO B 298 -8.17 25.85 -0.77
CA PRO B 298 -8.20 26.42 0.59
C PRO B 298 -9.29 27.45 0.80
N ASP B 299 -9.59 28.23 -0.24
CA ASP B 299 -10.64 29.24 -0.20
C ASP B 299 -12.04 28.67 0.05
N GLY B 300 -12.28 27.41 -0.31
CA GLY B 300 -13.63 26.87 -0.28
C GLY B 300 -14.50 27.23 -1.47
N LYS B 301 -14.08 28.19 -2.30
CA LYS B 301 -14.91 28.58 -3.43
C LYS B 301 -14.70 27.70 -4.65
N THR B 302 -13.49 27.23 -4.89
CA THR B 302 -13.15 26.50 -6.11
C THR B 302 -13.03 25.01 -5.83
N VAL B 303 -13.70 24.20 -6.65
CA VAL B 303 -13.72 22.76 -6.52
CA VAL B 303 -13.66 22.76 -6.51
C VAL B 303 -13.40 22.14 -7.88
N GLU B 304 -12.71 21.00 -7.88
CA GLU B 304 -12.50 20.20 -9.07
C GLU B 304 -12.97 18.78 -8.75
N ALA B 305 -13.97 18.31 -9.46
CA ALA B 305 -14.55 17.00 -9.23
C ALA B 305 -14.09 16.01 -10.29
N GLU B 306 -13.91 14.76 -9.89
CA GLU B 306 -13.33 13.74 -10.74
C GLU B 306 -13.68 12.37 -10.19
N ALA B 307 -13.48 11.36 -11.02
CA ALA B 307 -13.45 9.98 -10.54
C ALA B 307 -12.08 9.70 -9.95
N ALA B 308 -12.05 8.91 -8.87
CA ALA B 308 -10.78 8.59 -8.23
C ALA B 308 -9.95 7.62 -9.05
N HIS B 309 -10.58 6.79 -9.89
CA HIS B 309 -9.87 5.78 -10.65
C HIS B 309 -9.27 6.38 -11.92
N GLY B 310 -8.67 5.52 -12.74
CA GLY B 310 -8.02 5.92 -13.96
C GLY B 310 -8.87 5.70 -15.19
N THR B 311 -8.21 5.64 -16.35
CA THR B 311 -8.88 5.49 -17.63
C THR B 311 -9.34 4.06 -17.90
N VAL B 312 -9.09 3.13 -16.97
CA VAL B 312 -9.49 1.74 -17.10
C VAL B 312 -8.96 1.18 -18.42
N THR B 313 -7.63 1.23 -18.60
CA THR B 313 -7.01 0.82 -19.85
C THR B 313 -7.36 -0.62 -20.22
N ARG B 314 -7.39 -1.51 -19.21
CA ARG B 314 -7.61 -2.93 -19.49
C ARG B 314 -8.99 -3.19 -20.07
N HIS B 315 -10.00 -2.43 -19.63
CA HIS B 315 -11.32 -2.57 -20.24
C HIS B 315 -11.35 -1.95 -21.64
N TYR B 316 -10.64 -0.84 -21.82
CA TYR B 316 -10.55 -0.22 -23.14
C TYR B 316 -9.92 -1.16 -24.17
N ARG B 317 -8.95 -1.98 -23.74
CA ARG B 317 -8.33 -2.93 -24.66
C ARG B 317 -9.33 -3.96 -25.15
N MET B 318 -10.28 -4.37 -24.30
CA MET B 318 -11.35 -5.25 -24.75
C MET B 318 -12.29 -4.52 -25.70
N TYR B 319 -12.61 -3.26 -25.39
CA TYR B 319 -13.45 -2.46 -26.27
C TYR B 319 -12.84 -2.33 -27.65
N GLN B 320 -11.52 -2.13 -27.72
CA GLN B 320 -10.84 -2.00 -29.01
C GLN B 320 -10.94 -3.29 -29.82
N LYS B 321 -11.03 -4.44 -29.15
CA LYS B 321 -11.14 -5.72 -29.83
C LYS B 321 -12.57 -6.02 -30.30
N GLY B 322 -13.52 -5.12 -30.04
CA GLY B 322 -14.89 -5.38 -30.42
C GLY B 322 -15.67 -6.22 -29.43
N GLN B 323 -15.18 -6.35 -28.19
CA GLN B 323 -15.85 -7.13 -27.17
C GLN B 323 -16.70 -6.23 -26.29
N GLU B 324 -17.74 -6.82 -25.70
CA GLU B 324 -18.61 -6.08 -24.80
C GLU B 324 -17.89 -5.83 -23.48
N THR B 325 -17.99 -4.60 -22.99
CA THR B 325 -17.34 -4.19 -21.75
C THR B 325 -18.40 -3.75 -20.74
N SER B 326 -18.08 -3.90 -19.46
CA SER B 326 -18.99 -3.53 -18.38
C SER B 326 -18.24 -2.68 -17.35
N THR B 327 -17.69 -1.56 -17.83
CA THR B 327 -17.02 -0.61 -16.94
C THR B 327 -18.05 0.19 -16.16
N ASN B 328 -17.79 0.38 -14.87
CA ASN B 328 -18.73 1.08 -14.00
C ASN B 328 -18.60 2.59 -14.21
N PRO B 329 -19.67 3.27 -14.65
CA PRO B 329 -19.60 4.72 -14.88
C PRO B 329 -20.00 5.60 -13.71
N ILE B 330 -20.28 5.02 -12.54
CA ILE B 330 -20.88 5.79 -11.45
C ILE B 330 -19.92 6.88 -10.97
N ALA B 331 -18.65 6.53 -10.78
CA ALA B 331 -17.68 7.52 -10.30
C ALA B 331 -17.57 8.70 -11.26
N SER B 332 -17.62 8.43 -12.57
CA SER B 332 -17.58 9.52 -13.54
C SER B 332 -18.86 10.34 -13.51
N ILE B 333 -19.99 9.69 -13.27
CA ILE B 333 -21.26 10.41 -13.14
C ILE B 333 -21.22 11.32 -11.92
N PHE B 334 -20.72 10.81 -10.80
CA PHE B 334 -20.69 11.61 -9.58
C PHE B 334 -19.69 12.75 -9.65
N ALA B 335 -18.70 12.66 -10.55
CA ALA B 335 -17.88 13.83 -10.83
C ALA B 335 -18.72 14.98 -11.36
N TRP B 336 -19.69 14.66 -12.23
CA TRP B 336 -20.58 15.70 -12.75
C TRP B 336 -21.54 16.20 -11.68
N THR B 337 -22.14 15.28 -10.91
CA THR B 337 -23.12 15.70 -9.91
C THR B 337 -22.47 16.50 -8.78
N ARG B 338 -21.28 16.09 -8.35
CA ARG B 338 -20.59 16.86 -7.32
C ARG B 338 -20.14 18.21 -7.84
N GLY B 339 -19.62 18.25 -9.07
CA GLY B 339 -19.26 19.53 -9.66
C GLY B 339 -20.46 20.44 -9.83
N LEU B 340 -21.57 19.89 -10.32
CA LEU B 340 -22.76 20.71 -10.52
C LEU B 340 -23.40 21.12 -9.20
N ALA B 341 -23.28 20.28 -8.17
CA ALA B 341 -23.82 20.63 -6.86
C ALA B 341 -23.09 21.83 -6.27
N HIS B 342 -21.77 21.90 -6.45
CA HIS B 342 -21.02 23.06 -5.98
C HIS B 342 -21.34 24.28 -6.82
N ARG B 343 -21.52 24.10 -8.13
CA ARG B 343 -21.97 25.19 -8.98
C ARG B 343 -23.31 25.74 -8.49
N ALA B 344 -24.22 24.85 -8.10
CA ALA B 344 -25.52 25.29 -7.62
C ALA B 344 -25.40 26.02 -6.28
N LYS B 345 -24.46 25.59 -5.44
CA LYS B 345 -24.25 26.27 -4.16
C LYS B 345 -23.71 27.67 -4.36
N LEU B 346 -22.71 27.82 -5.25
CA LEU B 346 -22.13 29.14 -5.50
C LEU B 346 -23.16 30.10 -6.08
N ASP B 347 -24.04 29.61 -6.93
CA ASP B 347 -25.03 30.44 -7.60
C ASP B 347 -26.38 30.44 -6.89
N ASN B 348 -26.50 29.71 -5.78
CA ASN B 348 -27.79 29.51 -5.10
C ASN B 348 -28.86 29.10 -6.11
N ASN B 349 -28.52 28.09 -6.91
CA ASN B 349 -29.38 27.60 -7.98
C ASN B 349 -30.14 26.38 -7.45
N LYS B 350 -31.39 26.60 -7.05
CA LYS B 350 -32.18 25.53 -6.45
C LYS B 350 -32.44 24.40 -7.45
N GLU B 351 -32.81 24.76 -8.68
CA GLU B 351 -33.12 23.75 -9.70
C GLU B 351 -31.92 22.88 -10.01
N LEU B 352 -30.74 23.50 -10.19
CA LEU B 352 -29.54 22.72 -10.47
C LEU B 352 -29.14 21.88 -9.27
N ALA B 353 -29.33 22.40 -8.06
CA ALA B 353 -29.03 21.63 -6.87
C ALA B 353 -29.92 20.39 -6.78
N PHE B 354 -31.20 20.54 -7.15
CA PHE B 354 -32.07 19.37 -7.18
C PHE B 354 -31.62 18.36 -8.23
N PHE B 355 -31.23 18.85 -9.41
CA PHE B 355 -30.81 17.95 -10.48
C PHE B 355 -29.63 17.09 -10.05
N ALA B 356 -28.63 17.71 -9.44
CA ALA B 356 -27.43 16.98 -9.04
C ALA B 356 -27.75 15.88 -8.05
N ASN B 357 -28.57 16.19 -7.04
CA ASN B 357 -28.94 15.18 -6.06
C ASN B 357 -29.84 14.12 -6.68
N ALA B 358 -30.72 14.51 -7.60
CA ALA B 358 -31.62 13.54 -8.21
C ALA B 358 -30.85 12.51 -9.03
N LEU B 359 -29.83 12.94 -9.78
CA LEU B 359 -29.03 12.00 -10.55
C LEU B 359 -28.28 11.04 -9.66
N GLU B 360 -27.79 11.52 -8.51
CA GLU B 360 -27.13 10.64 -7.56
C GLU B 360 -28.11 9.62 -6.99
N GLU B 361 -29.34 10.04 -6.70
CA GLU B 361 -30.35 9.12 -6.19
C GLU B 361 -30.74 8.09 -7.24
N VAL B 362 -30.93 8.53 -8.49
CA VAL B 362 -31.24 7.60 -9.57
C VAL B 362 -30.14 6.57 -9.74
N SER B 363 -28.88 7.00 -9.59
CA SER B 363 -27.76 6.08 -9.70
C SER B 363 -27.83 5.00 -8.63
N ILE B 364 -28.02 5.41 -7.37
CA ILE B 364 -28.13 4.45 -6.28
C ILE B 364 -29.35 3.56 -6.46
N GLU B 365 -30.49 4.17 -6.79
CA GLU B 365 -31.73 3.43 -6.88
C GLU B 365 -31.68 2.38 -8.00
N THR B 366 -31.02 2.72 -9.10
CA THR B 366 -30.91 1.77 -10.22
C THR B 366 -30.11 0.54 -9.80
N ILE B 367 -28.99 0.74 -9.12
CA ILE B 367 -28.17 -0.39 -8.68
C ILE B 367 -28.89 -1.21 -7.63
N GLU B 368 -29.53 -0.53 -6.66
CA GLU B 368 -30.24 -1.24 -5.61
C GLU B 368 -31.46 -1.99 -6.14
N ALA B 369 -31.95 -1.64 -7.32
CA ALA B 369 -33.04 -2.38 -7.95
C ALA B 369 -32.58 -3.62 -8.69
N GLY B 370 -31.26 -3.85 -8.79
CA GLY B 370 -30.73 -5.04 -9.41
C GLY B 370 -30.03 -4.83 -10.74
N PHE B 371 -29.98 -3.59 -11.25
CA PHE B 371 -29.34 -3.29 -12.52
C PHE B 371 -27.97 -2.67 -12.23
N MET B 372 -26.91 -3.37 -12.64
CA MET B 372 -25.57 -2.96 -12.27
C MET B 372 -24.57 -3.50 -13.29
N THR B 373 -23.36 -2.96 -13.24
CA THR B 373 -22.27 -3.44 -14.09
C THR B 373 -21.59 -4.65 -13.44
N LYS B 374 -20.69 -5.28 -14.21
CA LYS B 374 -20.15 -6.57 -13.82
C LYS B 374 -19.37 -6.50 -12.51
N ASP B 375 -18.69 -5.39 -12.23
CA ASP B 375 -17.92 -5.26 -11.00
C ASP B 375 -18.82 -5.41 -9.78
N LEU B 376 -20.01 -4.80 -9.82
CA LEU B 376 -20.93 -4.87 -8.68
C LEU B 376 -21.63 -6.22 -8.60
N ALA B 377 -21.94 -6.82 -9.75
CA ALA B 377 -22.47 -8.19 -9.74
C ALA B 377 -21.47 -9.17 -9.15
N ALA B 378 -20.17 -8.89 -9.33
CA ALA B 378 -19.14 -9.76 -8.78
C ALA B 378 -19.07 -9.66 -7.26
N CYS B 379 -19.33 -8.48 -6.69
CA CYS B 379 -19.36 -8.37 -5.24
C CYS B 379 -20.50 -9.18 -4.65
N ILE B 380 -21.63 -9.27 -5.35
CA ILE B 380 -22.77 -10.03 -4.86
C ILE B 380 -22.54 -11.52 -5.07
N LYS B 381 -22.18 -11.92 -6.29
CA LYS B 381 -22.13 -13.33 -6.66
C LYS B 381 -20.76 -13.96 -6.48
N GLY B 382 -19.70 -13.16 -6.42
CA GLY B 382 -18.36 -13.70 -6.53
C GLY B 382 -18.00 -13.81 -8.00
N LEU B 383 -16.84 -13.30 -8.39
CA LEU B 383 -16.47 -13.27 -9.81
C LEU B 383 -16.51 -14.65 -10.48
N PRO B 384 -16.03 -15.74 -9.86
CA PRO B 384 -16.15 -17.04 -10.54
C PRO B 384 -17.58 -17.45 -10.87
N ASN B 385 -18.58 -16.86 -10.20
CA ASN B 385 -19.97 -17.29 -10.36
C ASN B 385 -20.83 -16.34 -11.20
N VAL B 386 -20.31 -15.17 -11.56
N VAL B 386 -20.30 -15.18 -11.59
CA VAL B 386 -21.12 -14.20 -12.29
CA VAL B 386 -21.10 -14.19 -12.30
C VAL B 386 -21.34 -14.68 -13.71
C VAL B 386 -21.33 -14.66 -13.73
N GLN B 387 -22.58 -14.56 -14.19
CA GLN B 387 -22.94 -14.86 -15.57
C GLN B 387 -23.40 -13.58 -16.25
N ARG B 388 -23.46 -13.63 -17.58
CA ARG B 388 -23.88 -12.46 -18.35
C ARG B 388 -25.26 -11.96 -17.93
N SER B 389 -26.14 -12.88 -17.49
CA SER B 389 -27.48 -12.52 -17.06
C SER B 389 -27.50 -11.70 -15.78
N ASP B 390 -26.38 -11.61 -15.06
CA ASP B 390 -26.34 -10.93 -13.77
C ASP B 390 -25.99 -9.45 -13.87
N TYR B 391 -25.54 -8.98 -15.02
CA TYR B 391 -25.10 -7.60 -15.13
C TYR B 391 -25.46 -7.06 -16.51
N LEU B 392 -25.38 -5.74 -16.63
CA LEU B 392 -25.51 -5.04 -17.89
C LEU B 392 -24.14 -4.55 -18.34
N ASN B 393 -23.94 -4.48 -19.65
CA ASN B 393 -22.73 -3.83 -20.13
C ASN B 393 -22.82 -2.33 -19.88
N THR B 394 -21.72 -1.63 -20.14
CA THR B 394 -21.64 -0.21 -19.80
C THR B 394 -22.77 0.59 -20.42
N PHE B 395 -23.12 0.27 -21.67
CA PHE B 395 -24.07 1.09 -22.42
C PHE B 395 -25.51 0.71 -22.10
N GLU B 396 -25.78 -0.56 -21.82
CA GLU B 396 -27.10 -0.93 -21.32
C GLU B 396 -27.37 -0.30 -19.96
N PHE B 397 -26.35 -0.24 -19.10
CA PHE B 397 -26.51 0.38 -17.79
C PHE B 397 -26.75 1.87 -17.93
N MET B 398 -26.02 2.54 -18.82
CA MET B 398 -26.27 3.96 -19.07
C MET B 398 -27.67 4.18 -19.61
N ASP B 399 -28.16 3.27 -20.45
CA ASP B 399 -29.53 3.35 -20.95
C ASP B 399 -30.52 3.28 -19.80
N LYS B 400 -30.32 2.33 -18.88
CA LYS B 400 -31.23 2.17 -17.76
C LYS B 400 -31.23 3.41 -16.87
N LEU B 401 -30.04 3.98 -16.62
CA LEU B 401 -29.96 5.20 -15.83
C LEU B 401 -30.71 6.35 -16.50
N GLY B 402 -30.49 6.52 -17.80
CA GLY B 402 -31.18 7.59 -18.52
C GLY B 402 -32.69 7.44 -18.49
N GLU B 403 -33.18 6.21 -18.57
CA GLU B 403 -34.62 5.96 -18.44
C GLU B 403 -35.13 6.43 -17.09
N ASN B 404 -34.46 6.00 -16.01
CA ASN B 404 -34.92 6.36 -14.67
C ASN B 404 -34.75 7.85 -14.39
N LEU B 405 -33.69 8.46 -14.92
CA LEU B 405 -33.48 9.89 -14.71
C LEU B 405 -34.56 10.72 -15.42
N LYS B 406 -34.92 10.33 -16.64
CA LYS B 406 -35.98 11.06 -17.36
C LYS B 406 -37.29 11.03 -16.59
N ILE B 407 -37.64 9.87 -16.02
CA ILE B 407 -38.85 9.77 -15.21
C ILE B 407 -38.71 10.60 -13.94
N LYS B 408 -37.55 10.51 -13.28
CA LYS B 408 -37.33 11.25 -12.04
C LYS B 408 -37.44 12.75 -12.25
N LEU B 409 -36.83 13.26 -13.32
CA LEU B 409 -36.86 14.70 -13.57
C LEU B 409 -38.23 15.15 -14.06
N ALA B 410 -38.95 14.30 -14.79
CA ALA B 410 -40.29 14.64 -15.23
C ALA B 410 -41.23 14.79 -14.02
N GLN B 411 -41.11 13.87 -13.06
CA GLN B 411 -41.92 13.99 -11.84
C GLN B 411 -41.55 15.23 -11.05
N ALA B 412 -40.28 15.64 -11.09
CA ALA B 412 -39.86 16.83 -10.35
C ALA B 412 -40.53 18.09 -10.88
N LYS B 413 -40.63 18.21 -12.20
CA LYS B 413 -41.23 19.42 -12.77
C LYS B 413 -42.73 19.48 -12.54
N LEU B 414 -43.37 18.34 -12.31
CA LEU B 414 -44.79 18.31 -11.95
C LEU B 414 -45.02 18.47 -10.46
N SER B 415 -43.98 18.35 -9.65
CA SER B 415 -44.12 18.37 -8.20
C SER B 415 -44.45 19.77 -7.71
N LEU B 416 -44.76 19.84 -6.41
CA LEU B 416 -45.09 21.12 -5.77
C LEU B 416 -43.85 21.96 -5.50
N GLU B 417 -42.72 21.31 -5.19
CA GLU B 417 -41.51 22.07 -4.88
C GLU B 417 -41.04 22.87 -6.09
N HIS B 418 -41.21 22.32 -7.30
CA HIS B 418 -40.95 23.10 -8.50
C HIS B 418 -41.98 24.20 -8.68
N HIS B 419 -43.21 23.96 -8.25
CA HIS B 419 -44.30 24.93 -8.34
C HIS B 419 -44.14 26.01 -7.28
#